data_7C37
#
_entry.id   7C37
#
_cell.length_a   73.413
_cell.length_b   78.949
_cell.length_c   136.629
_cell.angle_alpha   90.000
_cell.angle_beta   90.000
_cell.angle_gamma   90.000
#
_symmetry.space_group_name_H-M   'P 21 21 21'
#
loop_
_entity.id
_entity.type
_entity.pdbx_description
1 polymer AofleA
2 non-polymer BICINE
3 water water
#
_entity_poly.entity_id   1
_entity_poly.type   'polypeptide(L)'
_entity_poly.pdbx_seq_one_letter_code
;MAPVEFPKSLRASSHSSEGGTTKEEDIYGYELLYRSAFASYIAPTGAWNLVWFQAADGSIKQARWYGEWVISTVLAPGKA
LQGTPLTALLWGPQDTVRLYYLSPQFELQEWCWDTKNGADNKYDGALNAAKVKVAPYSKLGAVSFGGANLRVYYQGTNNK
LEEYTFGGGQGWKKGATLPGDPLPGTYISFVNRNKWDANPPSIRGYFQTVTGSLAEQVWETGGWRIGQFVIPAAPFLTPI
SATVSPEKDFPKIHVYWLSVESTIIESVNWHGWKAPKQIDNISVVKADISATSFTRDDGTVDVRIYGTAQLNVLFERIFR
YGVWEEKIHSISVGKEIPIEVVGVAAALEHHHHHH
;
_entity_poly.pdbx_strand_id   A,B
#
# COMPACT_ATOMS: atom_id res chain seq x y z
N PRO A 3 0.15 3.75 -22.65
CA PRO A 3 -0.84 3.11 -21.77
C PRO A 3 -0.19 2.53 -20.52
N VAL A 4 -0.99 2.08 -19.58
CA VAL A 4 -0.49 1.27 -18.47
C VAL A 4 -0.71 -0.18 -18.82
N GLU A 5 0.20 -1.04 -18.36
CA GLU A 5 0.13 -2.47 -18.60
C GLU A 5 -0.61 -3.17 -17.47
N PHE A 6 -1.40 -4.18 -17.83
CA PHE A 6 -2.21 -4.93 -16.87
C PHE A 6 -2.16 -6.40 -17.30
N PRO A 7 -2.22 -7.34 -16.35
CA PRO A 7 -2.16 -8.76 -16.74
C PRO A 7 -3.29 -9.12 -17.71
N LYS A 8 -2.91 -9.69 -18.85
CA LYS A 8 -3.88 -9.97 -19.91
CA LYS A 8 -3.91 -9.93 -19.89
C LYS A 8 -4.95 -10.96 -19.48
N SER A 9 -4.65 -11.83 -18.52
CA SER A 9 -5.60 -12.85 -18.10
CA SER A 9 -5.63 -12.84 -18.12
C SER A 9 -6.65 -12.32 -17.12
N LEU A 10 -6.51 -11.09 -16.64
CA LEU A 10 -7.42 -10.51 -15.67
C LEU A 10 -8.29 -9.45 -16.34
N ARG A 11 -9.51 -9.28 -15.82
CA ARG A 11 -10.40 -8.22 -16.29
C ARG A 11 -10.29 -7.04 -15.35
N ALA A 12 -9.95 -5.87 -15.90
CA ALA A 12 -9.84 -4.67 -15.09
C ALA A 12 -11.18 -3.99 -14.83
N SER A 13 -12.21 -4.26 -15.63
CA SER A 13 -13.47 -3.56 -15.50
CA SER A 13 -13.47 -3.55 -15.53
C SER A 13 -14.58 -4.43 -16.09
N SER A 14 -15.82 -3.98 -15.90
CA SER A 14 -16.98 -4.64 -16.49
C SER A 14 -16.93 -4.60 -18.00
N HIS A 15 -16.29 -3.59 -18.58
CA HIS A 15 -16.20 -3.45 -20.02
C HIS A 15 -14.96 -4.11 -20.61
N SER A 16 -14.15 -4.78 -19.78
CA SER A 16 -13.05 -5.58 -20.31
C SER A 16 -13.60 -6.71 -21.15
N SER A 17 -12.78 -7.17 -22.10
CA SER A 17 -13.15 -8.32 -22.90
CA SER A 17 -13.16 -8.32 -22.90
C SER A 17 -13.41 -9.53 -22.00
N GLU A 18 -14.24 -10.45 -22.48
CA GLU A 18 -14.66 -11.56 -21.62
CA GLU A 18 -14.65 -11.54 -21.60
C GLU A 18 -13.48 -12.42 -21.18
N GLY A 19 -12.46 -12.54 -22.02
CA GLY A 19 -11.31 -13.37 -21.68
C GLY A 19 -10.21 -12.69 -20.89
N GLY A 20 -10.35 -11.41 -20.58
CA GLY A 20 -9.30 -10.64 -19.93
C GLY A 20 -9.24 -9.28 -20.55
N THR A 21 -8.22 -8.52 -20.17
CA THR A 21 -8.08 -7.15 -20.65
C THR A 21 -7.32 -7.13 -21.97
N THR A 22 -7.88 -6.43 -22.96
CA THR A 22 -7.21 -6.23 -24.23
C THR A 22 -6.74 -4.79 -24.35
N LYS A 23 -7.64 -3.89 -24.70
CA LYS A 23 -7.38 -2.46 -24.72
C LYS A 23 -8.63 -1.76 -24.22
N GLU A 24 -8.48 -0.89 -23.23
CA GLU A 24 -9.63 -0.20 -22.66
C GLU A 24 -9.13 1.07 -21.98
N GLU A 25 -10.09 1.90 -21.57
CA GLU A 25 -9.79 3.08 -20.76
C GLU A 25 -10.27 2.85 -19.33
N ASP A 26 -9.43 3.20 -18.36
CA ASP A 26 -9.82 3.14 -16.96
C ASP A 26 -9.46 4.47 -16.27
N ILE A 27 -10.00 4.65 -15.07
CA ILE A 27 -9.98 5.95 -14.41
C ILE A 27 -9.06 5.91 -13.20
N TYR A 28 -8.28 6.97 -13.01
CA TYR A 28 -7.44 7.19 -11.84
C TYR A 28 -8.00 8.40 -11.10
N GLY A 29 -8.68 8.14 -9.97
CA GLY A 29 -9.09 9.21 -9.08
C GLY A 29 -7.97 9.49 -8.10
N TYR A 30 -7.16 10.50 -8.38
CA TYR A 30 -5.93 10.68 -7.62
C TYR A 30 -6.14 11.44 -6.31
N GLU A 31 -7.35 11.88 -6.02
CA GLU A 31 -7.65 12.46 -4.71
C GLU A 31 -8.23 11.45 -3.75
N LEU A 32 -8.37 10.19 -4.16
CA LEU A 32 -8.64 9.09 -3.25
C LEU A 32 -7.28 8.50 -2.87
N LEU A 33 -7.04 8.31 -1.56
CA LEU A 33 -5.80 7.67 -1.15
C LEU A 33 -5.68 6.32 -1.88
N TYR A 34 -4.50 6.05 -2.44
CA TYR A 34 -4.33 4.78 -3.12
C TYR A 34 -4.46 3.66 -2.10
N ARG A 35 -5.36 2.72 -2.37
CA ARG A 35 -5.67 1.62 -1.44
C ARG A 35 -6.28 2.15 -0.14
N SER A 36 -7.17 3.12 -0.27
CA SER A 36 -7.85 3.66 0.89
C SER A 36 -8.58 2.57 1.67
N ALA A 37 -8.64 2.73 3.00
CA ALA A 37 -9.60 1.95 3.78
C ALA A 37 -11.02 2.39 3.45
N PHE A 38 -11.97 1.48 3.67
CA PHE A 38 -13.38 1.79 3.49
C PHE A 38 -14.21 1.28 4.65
N ALA A 39 -15.14 2.12 5.10
CA ALA A 39 -16.22 1.73 6.00
C ALA A 39 -17.52 2.10 5.33
N SER A 40 -18.62 1.48 5.75
CA SER A 40 -19.89 1.74 5.08
C SER A 40 -21.04 1.31 5.97
N TYR A 41 -22.22 1.85 5.67
CA TYR A 41 -23.45 1.38 6.29
C TYR A 41 -24.61 1.83 5.44
N ILE A 42 -25.44 0.88 5.01
CA ILE A 42 -26.70 1.21 4.35
C ILE A 42 -27.80 1.28 5.41
N ALA A 43 -28.72 2.21 5.25
CA ALA A 43 -29.82 2.31 6.20
C ALA A 43 -30.60 1.00 6.25
N PRO A 44 -31.10 0.60 7.42
CA PRO A 44 -31.90 -0.64 7.49
C PRO A 44 -33.15 -0.61 6.63
N THR A 45 -33.65 0.58 6.28
CA THR A 45 -34.77 0.68 5.34
C THR A 45 -34.31 0.58 3.89
N GLY A 46 -33.00 0.63 3.64
CA GLY A 46 -32.49 0.73 2.29
C GLY A 46 -32.56 2.11 1.67
N ALA A 47 -33.00 3.11 2.43
CA ALA A 47 -33.31 4.40 1.83
C ALA A 47 -32.08 5.20 1.43
N TRP A 48 -30.98 5.06 2.16
CA TRP A 48 -29.78 5.86 1.90
C TRP A 48 -28.56 5.05 2.28
N ASN A 49 -27.40 5.53 1.82
CA ASN A 49 -26.13 4.81 1.98
C ASN A 49 -25.07 5.76 2.49
N LEU A 50 -24.20 5.25 3.36
CA LEU A 50 -23.02 5.96 3.83
C LEU A 50 -21.77 5.15 3.52
N VAL A 51 -20.73 5.84 3.04
CA VAL A 51 -19.41 5.25 2.81
C VAL A 51 -18.39 6.23 3.35
N TRP A 52 -17.37 5.73 4.04
CA TRP A 52 -16.26 6.57 4.49
C TRP A 52 -14.95 6.05 3.92
N PHE A 53 -14.05 6.98 3.64
CA PHE A 53 -12.79 6.67 2.98
C PHE A 53 -11.77 7.74 3.33
N GLN A 54 -10.53 7.51 2.94
CA GLN A 54 -9.46 8.48 3.19
C GLN A 54 -9.06 9.12 1.86
N ALA A 55 -9.04 10.45 1.84
CA ALA A 55 -8.57 11.19 0.68
C ALA A 55 -7.05 11.18 0.64
N ALA A 56 -6.49 11.53 -0.52
CA ALA A 56 -5.05 11.55 -0.67
C ALA A 56 -4.38 12.45 0.36
N ASP A 57 -5.03 13.56 0.73
CA ASP A 57 -4.47 14.49 1.69
C ASP A 57 -4.59 14.02 3.13
N GLY A 58 -5.11 12.81 3.36
CA GLY A 58 -5.22 12.28 4.71
C GLY A 58 -6.52 12.56 5.42
N SER A 59 -7.34 13.49 4.92
CA SER A 59 -8.65 13.72 5.53
C SER A 59 -9.53 12.48 5.36
N ILE A 60 -10.49 12.32 6.27
CA ILE A 60 -11.50 11.28 6.15
C ILE A 60 -12.75 11.93 5.58
N LYS A 61 -13.28 11.33 4.52
CA LYS A 61 -14.44 11.87 3.84
C LYS A 61 -15.58 10.86 3.88
N GLN A 62 -16.75 11.37 3.52
CA GLN A 62 -17.99 10.60 3.53
C GLN A 62 -18.65 10.75 2.17
N ALA A 63 -19.12 9.65 1.60
CA ALA A 63 -20.02 9.66 0.46
C ALA A 63 -21.39 9.21 0.94
N ARG A 64 -22.42 10.01 0.68
CA ARG A 64 -23.77 9.71 1.12
C ARG A 64 -24.68 9.66 -0.10
N TRP A 65 -25.45 8.58 -0.23
CA TRP A 65 -26.40 8.45 -1.33
CA TRP A 65 -26.41 8.44 -1.33
C TRP A 65 -27.82 8.63 -0.80
N TYR A 66 -28.55 9.57 -1.40
CA TYR A 66 -29.99 9.72 -1.17
C TYR A 66 -30.51 10.31 -2.49
N GLY A 67 -30.69 9.43 -3.47
CA GLY A 67 -31.05 9.86 -4.81
C GLY A 67 -29.85 10.26 -5.66
N GLU A 68 -28.79 10.72 -5.00
CA GLU A 68 -27.55 11.15 -5.63
C GLU A 68 -26.45 11.00 -4.59
N TRP A 69 -25.21 10.86 -5.06
CA TRP A 69 -24.06 10.83 -4.16
C TRP A 69 -23.60 12.24 -3.84
N VAL A 70 -23.33 12.51 -2.56
CA VAL A 70 -22.80 13.77 -2.08
C VAL A 70 -21.58 13.47 -1.23
N ILE A 71 -20.46 14.16 -1.51
CA ILE A 71 -19.20 13.97 -0.79
C ILE A 71 -19.04 15.10 0.22
N SER A 72 -18.61 14.74 1.43
CA SER A 72 -18.31 15.72 2.46
C SER A 72 -17.05 15.27 3.19
N THR A 73 -16.45 16.20 3.94
CA THR A 73 -15.28 15.90 4.75
C THR A 73 -15.71 15.85 6.21
N VAL A 74 -15.34 14.77 6.90
CA VAL A 74 -15.70 14.60 8.29
C VAL A 74 -14.53 14.76 9.25
N LEU A 75 -13.29 14.47 8.82
CA LEU A 75 -12.13 14.64 9.68
C LEU A 75 -11.02 15.31 8.88
N ALA A 76 -10.48 16.40 9.41
CA ALA A 76 -9.46 17.16 8.72
C ALA A 76 -8.14 16.40 8.67
N PRO A 77 -7.24 16.76 7.74
CA PRO A 77 -5.90 16.19 7.77
C PRO A 77 -5.28 16.36 9.15
N GLY A 78 -4.52 15.35 9.57
CA GLY A 78 -3.90 15.32 10.87
C GLY A 78 -4.65 14.52 11.91
N LYS A 79 -5.95 14.27 11.70
CA LYS A 79 -6.71 13.48 12.65
C LYS A 79 -6.36 12.00 12.56
N ALA A 80 -6.17 11.49 11.34
CA ALA A 80 -6.02 10.07 11.08
C ALA A 80 -4.64 9.73 10.57
N LEU A 81 -4.12 8.58 11.00
CA LEU A 81 -2.96 7.96 10.37
C LEU A 81 -3.11 7.94 8.86
N GLN A 82 -2.02 8.21 8.14
CA GLN A 82 -2.05 8.01 6.69
C GLN A 82 -2.11 6.51 6.42
N GLY A 83 -3.21 6.06 5.83
CA GLY A 83 -3.48 4.65 5.71
C GLY A 83 -4.26 4.05 6.87
N THR A 84 -5.00 4.87 7.61
CA THR A 84 -5.77 4.37 8.75
C THR A 84 -6.78 3.31 8.32
N PRO A 85 -7.05 2.32 9.17
CA PRO A 85 -8.24 1.49 8.99
C PRO A 85 -9.49 2.29 9.38
N LEU A 86 -10.64 1.79 8.93
CA LEU A 86 -11.92 2.44 9.22
C LEU A 86 -12.97 1.36 9.45
N THR A 87 -13.89 1.60 10.39
CA THR A 87 -15.05 0.73 10.57
C THR A 87 -16.18 1.54 11.20
N ALA A 88 -17.42 1.22 10.84
CA ALA A 88 -18.55 2.06 11.20
C ALA A 88 -19.67 1.30 11.89
N LEU A 89 -20.44 2.04 12.70
CA LEU A 89 -21.65 1.55 13.35
C LEU A 89 -22.81 2.47 13.03
N LEU A 90 -24.02 1.90 13.04
CA LEU A 90 -25.25 2.66 12.79
C LEU A 90 -26.36 1.99 13.58
N TRP A 91 -27.05 2.75 14.44
CA TRP A 91 -28.16 2.19 15.19
C TRP A 91 -29.17 3.30 15.49
N GLY A 92 -30.27 2.93 16.14
CA GLY A 92 -31.20 3.91 16.65
C GLY A 92 -32.68 3.87 16.29
N PRO A 93 -33.11 3.15 15.23
CA PRO A 93 -32.43 2.23 14.29
C PRO A 93 -31.44 2.88 13.34
N GLN A 94 -31.54 4.18 13.04
CA GLN A 94 -30.67 4.73 12.00
C GLN A 94 -30.38 6.20 12.21
N ASP A 95 -30.25 6.64 13.47
CA ASP A 95 -30.00 8.04 13.77
C ASP A 95 -28.70 8.27 14.53
N THR A 96 -27.89 7.23 14.70
CA THR A 96 -26.68 7.34 15.51
C THR A 96 -25.57 6.58 14.78
N VAL A 97 -24.48 7.28 14.45
CA VAL A 97 -23.38 6.73 13.67
C VAL A 97 -22.10 6.87 14.48
N ARG A 98 -21.25 5.85 14.41
CA ARG A 98 -19.87 5.96 14.90
C ARG A 98 -18.92 5.49 13.81
N LEU A 99 -17.77 6.15 13.72
CA LEU A 99 -16.69 5.74 12.84
C LEU A 99 -15.42 5.64 13.67
N TYR A 100 -14.76 4.49 13.61
CA TYR A 100 -13.52 4.25 14.33
C TYR A 100 -12.35 4.27 13.37
N TYR A 101 -11.22 4.80 13.84
CA TYR A 101 -10.04 5.01 13.02
C TYR A 101 -8.84 5.10 13.96
N LEU A 102 -7.65 5.22 13.39
CA LEU A 102 -6.43 5.37 14.18
C LEU A 102 -5.85 6.76 14.01
N SER A 103 -5.34 7.33 15.10
CA SER A 103 -4.59 8.57 15.04
C SER A 103 -3.21 8.30 14.43
N PRO A 104 -2.45 9.35 14.10
CA PRO A 104 -1.09 9.12 13.57
C PRO A 104 -0.17 8.50 14.59
N GLN A 105 -0.55 8.45 15.87
CA GLN A 105 0.18 7.78 16.92
C GLN A 105 -0.40 6.41 17.24
N PHE A 106 -1.24 5.87 16.36
CA PHE A 106 -1.73 4.50 16.48
C PHE A 106 -2.61 4.30 17.71
N GLU A 107 -3.39 5.32 18.07
CA GLU A 107 -4.38 5.21 19.14
C GLU A 107 -5.78 5.16 18.57
N LEU A 108 -6.64 4.33 19.18
CA LEU A 108 -8.03 4.25 18.77
C LEU A 108 -8.71 5.62 18.84
N GLN A 109 -9.44 5.97 17.79
CA GLN A 109 -10.24 7.19 17.79
C GLN A 109 -11.67 6.89 17.38
N GLU A 110 -12.57 7.79 17.77
CA GLU A 110 -14.00 7.61 17.56
C GLU A 110 -14.58 8.94 17.10
N TRP A 111 -15.31 8.90 15.98
CA TRP A 111 -16.08 10.03 15.48
C TRP A 111 -17.57 9.69 15.59
N CYS A 112 -18.37 10.64 16.04
CA CYS A 112 -19.79 10.44 16.29
C CYS A 112 -20.61 11.36 15.41
N TRP A 113 -21.72 10.84 14.88
CA TRP A 113 -22.67 11.66 14.13
C TRP A 113 -24.06 11.30 14.60
N ASP A 114 -24.71 12.22 15.31
CA ASP A 114 -26.01 12.00 15.90
C ASP A 114 -27.05 12.83 15.18
N THR A 115 -28.12 12.19 14.70
CA THR A 115 -29.15 12.87 13.92
C THR A 115 -30.55 12.60 14.46
N LYS A 116 -30.68 12.25 15.74
CA LYS A 116 -32.00 12.01 16.30
C LYS A 116 -32.84 13.27 16.24
N ASN A 117 -34.10 13.15 15.85
N ASN A 117 -34.12 13.08 15.91
CA ASN A 117 -35.01 14.29 15.90
CA ASN A 117 -35.13 14.10 15.63
C ASN A 117 -34.58 15.42 14.94
C ASN A 117 -34.57 15.34 14.97
N GLY A 118 -33.88 15.12 13.86
CA GLY A 118 -33.43 16.19 12.99
C GLY A 118 -32.19 16.91 13.44
N ALA A 119 -31.55 16.46 14.52
CA ALA A 119 -30.27 17.01 14.91
C ALA A 119 -29.22 16.68 13.86
N ASP A 120 -28.08 17.38 13.94
CA ASP A 120 -27.00 17.13 12.99
C ASP A 120 -25.70 17.46 13.71
N ASN A 121 -25.27 16.55 14.59
CA ASN A 121 -24.15 16.81 15.48
C ASN A 121 -23.01 15.85 15.17
N LYS A 122 -21.87 16.41 14.75
CA LYS A 122 -20.64 15.67 14.53
C LYS A 122 -19.64 16.06 15.62
N TYR A 123 -19.05 15.05 16.28
CA TYR A 123 -18.19 15.34 17.42
C TYR A 123 -17.31 14.14 17.73
N ASP A 124 -16.22 14.40 18.47
CA ASP A 124 -15.32 13.34 18.89
C ASP A 124 -15.96 12.50 20.00
N GLY A 125 -15.80 11.17 19.89
CA GLY A 125 -16.27 10.28 20.93
C GLY A 125 -15.30 10.18 22.11
N ALA A 126 -15.77 9.52 23.17
CA ALA A 126 -14.98 9.38 24.38
C ALA A 126 -13.81 8.41 24.23
N LEU A 127 -13.79 7.59 23.19
CA LEU A 127 -12.70 6.62 23.08
C LEU A 127 -11.35 7.30 22.96
N ASN A 128 -11.30 8.48 22.33
CA ASN A 128 -10.04 9.18 22.12
C ASN A 128 -9.30 9.37 23.45
N ALA A 129 -10.04 9.74 24.49
CA ALA A 129 -9.41 10.04 25.78
C ALA A 129 -8.80 8.82 26.44
N ALA A 130 -9.20 7.61 26.05
CA ALA A 130 -8.62 6.40 26.65
C ALA A 130 -7.21 6.14 26.16
N LYS A 131 -6.79 6.76 25.04
CA LYS A 131 -5.43 6.66 24.52
C LYS A 131 -4.97 5.22 24.37
N VAL A 132 -5.77 4.43 23.66
CA VAL A 132 -5.52 2.99 23.50
C VAL A 132 -4.56 2.79 22.32
N LYS A 133 -3.31 2.46 22.63
CA LYS A 133 -2.29 2.20 21.62
C LYS A 133 -2.45 0.79 21.08
N VAL A 134 -2.46 0.65 19.76
CA VAL A 134 -2.66 -0.65 19.13
C VAL A 134 -1.45 -0.97 18.26
N ALA A 135 -1.39 -2.20 17.77
CA ALA A 135 -0.32 -2.54 16.83
C ALA A 135 -0.43 -1.58 15.64
N PRO A 136 0.69 -1.08 15.13
CA PRO A 136 0.60 0.00 14.12
C PRO A 136 -0.06 -0.43 12.84
N TYR A 137 -0.07 -1.73 12.53
CA TYR A 137 -0.71 -2.29 11.35
C TYR A 137 -2.10 -2.85 11.67
N SER A 138 -2.64 -2.56 12.85
CA SER A 138 -3.95 -3.09 13.23
C SER A 138 -5.04 -2.61 12.29
N LYS A 139 -5.96 -3.52 11.97
CA LYS A 139 -7.23 -3.14 11.38
C LYS A 139 -8.26 -2.96 12.50
N LEU A 140 -9.50 -2.68 12.12
CA LEU A 140 -10.56 -2.36 13.10
C LEU A 140 -11.86 -3.02 12.71
N GLY A 141 -12.56 -3.57 13.72
CA GLY A 141 -13.94 -3.99 13.58
C GLY A 141 -14.75 -3.43 14.73
N ALA A 142 -16.08 -3.50 14.59
CA ALA A 142 -16.94 -3.01 15.66
C ALA A 142 -18.35 -3.56 15.49
N VAL A 143 -19.06 -3.72 16.61
CA VAL A 143 -20.49 -4.02 16.61
C VAL A 143 -21.19 -3.18 17.66
N SER A 144 -22.51 -3.11 17.53
CA SER A 144 -23.37 -2.47 18.52
C SER A 144 -24.53 -3.39 18.86
N PHE A 145 -25.02 -3.28 20.10
CA PHE A 145 -26.16 -4.09 20.53
C PHE A 145 -26.87 -3.40 21.67
N GLY A 146 -28.12 -3.81 21.90
CA GLY A 146 -28.91 -3.23 22.97
C GLY A 146 -28.94 -1.72 22.91
N GLY A 147 -29.01 -1.16 21.71
CA GLY A 147 -28.81 0.26 21.52
C GLY A 147 -27.34 0.64 21.55
N ALA A 148 -26.95 1.41 22.57
CA ALA A 148 -25.60 1.98 22.62
C ALA A 148 -24.64 1.15 23.46
N ASN A 149 -24.65 -0.16 23.33
CA ASN A 149 -23.57 -1.01 23.84
C ASN A 149 -22.66 -1.31 22.66
N LEU A 150 -21.41 -0.84 22.75
CA LEU A 150 -20.50 -0.85 21.61
C LEU A 150 -19.29 -1.73 21.93
N ARG A 151 -18.75 -2.35 20.89
CA ARG A 151 -17.55 -3.16 20.99
C ARG A 151 -16.65 -2.79 19.84
N VAL A 152 -15.39 -2.51 20.13
CA VAL A 152 -14.39 -2.21 19.10
C VAL A 152 -13.32 -3.30 19.16
N TYR A 153 -13.00 -3.85 18.01
CA TYR A 153 -12.03 -4.94 17.88
C TYR A 153 -10.80 -4.45 17.13
N TYR A 154 -9.63 -4.83 17.65
CA TYR A 154 -8.37 -4.34 17.11
C TYR A 154 -7.30 -5.38 17.42
N GLN A 155 -6.09 -5.12 16.92
CA GLN A 155 -4.96 -6.02 17.13
C GLN A 155 -4.02 -5.33 18.10
N GLY A 156 -3.75 -6.00 19.22
CA GLY A 156 -2.84 -5.48 20.21
C GLY A 156 -1.40 -5.65 19.79
N THR A 157 -0.50 -5.11 20.62
CA THR A 157 0.90 -5.08 20.25
C THR A 157 1.54 -6.46 20.15
N ASN A 158 0.94 -7.47 20.82
CA ASN A 158 1.42 -8.84 20.71
C ASN A 158 0.68 -9.64 19.66
N ASN A 159 -0.10 -8.98 18.80
CA ASN A 159 -0.80 -9.54 17.64
C ASN A 159 -2.09 -10.29 17.98
N LYS A 160 -2.46 -10.41 19.26
CA LYS A 160 -3.75 -10.96 19.60
C LYS A 160 -4.85 -9.97 19.23
N LEU A 161 -6.02 -10.50 18.88
CA LEU A 161 -7.19 -9.64 18.74
C LEU A 161 -7.73 -9.28 20.11
N GLU A 162 -8.12 -8.02 20.26
CA GLU A 162 -8.53 -7.44 21.54
C GLU A 162 -9.84 -6.70 21.36
N GLU A 163 -10.56 -6.56 22.47
CA GLU A 163 -11.85 -5.89 22.52
C GLU A 163 -11.81 -4.72 23.49
N TYR A 164 -12.44 -3.60 23.10
CA TYR A 164 -12.76 -2.50 23.99
C TYR A 164 -14.28 -2.37 24.03
N THR A 165 -14.84 -2.03 25.20
CA THR A 165 -16.27 -2.09 25.42
C THR A 165 -16.78 -0.73 25.90
N PHE A 166 -18.05 -0.46 25.56
CA PHE A 166 -18.73 0.77 25.96
C PHE A 166 -20.17 0.41 26.27
N GLY A 167 -20.69 0.95 27.37
CA GLY A 167 -22.09 0.70 27.69
C GLY A 167 -22.34 0.59 29.18
N GLY A 168 -23.62 0.59 29.56
CA GLY A 168 -23.99 0.45 30.97
C GLY A 168 -23.53 1.59 31.85
N GLY A 169 -23.33 2.78 31.28
CA GLY A 169 -22.82 3.89 32.05
C GLY A 169 -21.39 3.76 32.51
N GLN A 170 -20.64 2.82 31.95
CA GLN A 170 -19.28 2.54 32.37
C GLN A 170 -18.23 3.32 31.59
N GLY A 171 -18.59 3.89 30.45
CA GLY A 171 -17.59 4.45 29.56
C GLY A 171 -16.82 3.34 28.85
N TRP A 172 -15.76 3.76 28.17
CA TRP A 172 -14.91 2.82 27.47
C TRP A 172 -13.98 2.09 28.45
N LYS A 173 -13.95 0.77 28.35
CA LYS A 173 -13.12 -0.07 29.21
CA LYS A 173 -13.13 -0.07 29.20
C LYS A 173 -12.54 -1.21 28.37
N LYS A 174 -11.39 -1.71 28.80
CA LYS A 174 -10.81 -2.87 28.12
C LYS A 174 -11.75 -4.07 28.29
N GLY A 175 -11.98 -4.78 27.19
CA GLY A 175 -12.76 -5.99 27.17
C GLY A 175 -11.89 -7.23 27.07
N ALA A 176 -12.42 -8.26 26.41
CA ALA A 176 -11.74 -9.54 26.37
C ALA A 176 -10.52 -9.49 25.44
N THR A 177 -9.63 -10.45 25.66
CA THR A 177 -8.63 -10.83 24.67
C THR A 177 -9.17 -12.06 23.95
N LEU A 178 -9.21 -12.02 22.64
CA LEU A 178 -9.91 -13.06 21.90
C LEU A 178 -9.00 -14.27 21.65
N PRO A 179 -9.57 -15.44 21.38
CA PRO A 179 -8.74 -16.63 21.14
C PRO A 179 -8.06 -16.57 19.78
N GLY A 180 -7.18 -17.55 19.56
CA GLY A 180 -6.58 -17.72 18.25
C GLY A 180 -5.25 -17.01 18.07
N ASP A 181 -4.68 -17.21 16.88
N ASP A 181 -4.70 -17.17 16.86
CA ASP A 181 -3.34 -16.73 16.56
CA ASP A 181 -3.35 -16.76 16.53
C ASP A 181 -3.43 -15.90 15.29
C ASP A 181 -3.41 -15.89 15.27
N PRO A 182 -3.74 -14.60 15.41
CA PRO A 182 -3.98 -13.78 14.22
C PRO A 182 -2.71 -13.38 13.50
N LEU A 183 -2.79 -13.36 12.17
CA LEU A 183 -1.69 -12.84 11.36
C LEU A 183 -1.45 -11.37 11.72
N PRO A 184 -0.21 -10.95 11.93
CA PRO A 184 0.05 -9.51 12.14
C PRO A 184 -0.46 -8.71 10.95
N GLY A 185 -1.31 -7.73 11.23
CA GLY A 185 -1.87 -6.90 10.20
C GLY A 185 -3.10 -7.46 9.51
N THR A 186 -3.62 -8.58 10.00
CA THR A 186 -4.79 -9.19 9.38
C THR A 186 -5.93 -8.17 9.23
N TYR A 187 -6.64 -8.26 8.11
CA TYR A 187 -7.92 -7.59 8.04
C TYR A 187 -8.88 -8.29 9.00
N ILE A 188 -9.81 -7.52 9.56
CA ILE A 188 -10.76 -8.06 10.51
C ILE A 188 -12.13 -7.47 10.22
N SER A 189 -13.17 -8.25 10.49
CA SER A 189 -14.54 -7.76 10.27
C SER A 189 -15.45 -8.47 11.25
N PHE A 190 -16.17 -7.69 12.05
CA PHE A 190 -17.06 -8.21 13.08
C PHE A 190 -18.50 -7.80 12.79
N VAL A 191 -19.43 -8.71 13.07
CA VAL A 191 -20.84 -8.48 12.81
C VAL A 191 -21.66 -8.97 14.01
N ASN A 192 -22.87 -8.45 14.13
CA ASN A 192 -23.82 -8.86 15.16
C ASN A 192 -25.02 -9.49 14.46
N ARG A 193 -25.23 -10.78 14.68
CA ARG A 193 -26.33 -11.51 14.05
C ARG A 193 -27.68 -11.19 14.65
N ASN A 194 -27.73 -10.57 15.83
CA ASN A 194 -28.99 -10.17 16.44
C ASN A 194 -29.29 -8.71 16.15
N LYS A 195 -30.53 -8.33 16.39
CA LYS A 195 -31.01 -7.00 16.03
C LYS A 195 -30.34 -5.92 16.89
N TRP A 196 -30.28 -4.71 16.33
CA TRP A 196 -29.51 -3.63 16.95
C TRP A 196 -29.98 -3.31 18.37
N ASP A 197 -31.25 -3.52 18.66
CA ASP A 197 -31.78 -3.20 19.99
C ASP A 197 -31.90 -4.43 20.89
N ALA A 198 -31.41 -5.58 20.44
CA ALA A 198 -31.50 -6.82 21.21
C ALA A 198 -30.29 -6.99 22.10
N ASN A 199 -30.49 -7.67 23.23
CA ASN A 199 -29.43 -7.96 24.18
C ASN A 199 -29.76 -9.33 24.76
N PRO A 200 -28.89 -10.33 24.64
CA PRO A 200 -27.49 -10.33 24.19
C PRO A 200 -27.31 -10.28 22.68
N PRO A 201 -26.12 -9.91 22.25
CA PRO A 201 -25.77 -9.99 20.82
C PRO A 201 -25.36 -11.41 20.47
N SER A 202 -25.12 -11.64 19.18
CA SER A 202 -24.59 -12.89 18.65
C SER A 202 -23.45 -12.47 17.71
N ILE A 203 -22.20 -12.51 18.17
CA ILE A 203 -21.11 -11.81 17.50
C ILE A 203 -20.24 -12.79 16.73
N ARG A 204 -19.88 -12.42 15.51
CA ARG A 204 -18.93 -13.17 14.70
C ARG A 204 -17.86 -12.22 14.19
N GLY A 205 -16.61 -12.67 14.24
CA GLY A 205 -15.51 -11.92 13.65
C GLY A 205 -14.75 -12.81 12.71
N TYR A 206 -14.27 -12.22 11.61
CA TYR A 206 -13.52 -12.93 10.59
C TYR A 206 -12.14 -12.33 10.43
N PHE A 207 -11.12 -13.18 10.36
CA PHE A 207 -9.74 -12.72 10.34
C PHE A 207 -8.88 -13.80 9.68
N GLN A 208 -7.62 -13.45 9.45
CA GLN A 208 -6.64 -14.38 8.88
C GLN A 208 -5.64 -14.76 9.97
N THR A 209 -5.28 -16.05 10.01
CA THR A 209 -4.39 -16.55 11.05
C THR A 209 -2.94 -16.54 10.57
N VAL A 210 -2.04 -16.87 11.49
CA VAL A 210 -0.61 -16.94 11.17
C VAL A 210 -0.29 -18.01 10.14
N THR A 211 -1.19 -18.96 9.90
CA THR A 211 -0.95 -19.96 8.86
C THR A 211 -1.46 -19.52 7.50
N GLY A 212 -2.17 -18.40 7.41
CA GLY A 212 -2.79 -17.97 6.18
C GLY A 212 -4.25 -18.37 6.03
N SER A 213 -4.74 -19.26 6.89
CA SER A 213 -6.14 -19.65 6.87
C SER A 213 -7.02 -18.48 7.31
N LEU A 214 -8.28 -18.54 6.92
CA LEU A 214 -9.29 -17.64 7.47
C LEU A 214 -9.99 -18.35 8.60
N ALA A 215 -10.33 -17.59 9.64
CA ALA A 215 -10.90 -18.12 10.86
C ALA A 215 -12.01 -17.21 11.35
N GLU A 216 -12.70 -17.68 12.39
CA GLU A 216 -13.92 -17.06 12.89
C GLU A 216 -13.86 -16.97 14.41
N GLN A 217 -14.16 -15.79 14.94
CA GLN A 217 -14.41 -15.57 16.36
C GLN A 217 -15.91 -15.65 16.60
N VAL A 218 -16.30 -16.31 17.69
CA VAL A 218 -17.71 -16.48 18.05
C VAL A 218 -17.90 -15.97 19.47
N TRP A 219 -18.86 -15.06 19.66
CA TRP A 219 -19.32 -14.74 21.01
C TRP A 219 -20.80 -15.11 21.10
N GLU A 220 -21.12 -15.93 22.09
CA GLU A 220 -22.49 -16.18 22.52
C GLU A 220 -22.46 -16.14 24.04
N THR A 221 -23.65 -16.08 24.65
CA THR A 221 -23.71 -16.16 26.10
CA THR A 221 -23.72 -16.17 26.11
C THR A 221 -22.87 -17.34 26.58
N GLY A 222 -21.88 -17.04 27.42
CA GLY A 222 -20.90 -18.01 27.89
C GLY A 222 -19.47 -17.65 27.54
N GLY A 223 -19.27 -16.87 26.47
CA GLY A 223 -17.97 -16.31 26.19
C GLY A 223 -17.52 -16.53 24.75
N TRP A 224 -16.25 -16.21 24.50
CA TRP A 224 -15.65 -16.30 23.18
C TRP A 224 -15.13 -17.70 22.90
N ARG A 225 -15.21 -18.10 21.64
CA ARG A 225 -14.60 -19.34 21.18
C ARG A 225 -14.27 -19.21 19.70
N ILE A 226 -13.43 -20.12 19.21
CA ILE A 226 -13.14 -20.19 17.78
C ILE A 226 -14.28 -20.91 17.09
N GLY A 227 -14.74 -20.36 15.97
CA GLY A 227 -15.87 -20.90 15.25
C GLY A 227 -15.49 -21.98 14.27
N GLN A 228 -16.52 -22.60 13.71
CA GLN A 228 -16.32 -23.69 12.77
C GLN A 228 -16.02 -23.25 11.35
N PHE A 229 -16.11 -21.95 11.06
CA PHE A 229 -15.76 -21.45 9.74
C PHE A 229 -14.25 -21.48 9.56
N VAL A 230 -13.79 -22.23 8.57
CA VAL A 230 -12.36 -22.36 8.28
C VAL A 230 -12.17 -22.35 6.77
N ILE A 231 -11.39 -21.40 6.28
CA ILE A 231 -10.89 -21.41 4.91
C ILE A 231 -9.41 -21.76 5.00
N PRO A 232 -8.98 -22.93 4.52
CA PRO A 232 -7.60 -23.37 4.79
C PRO A 232 -6.52 -22.48 4.23
N ALA A 233 -6.78 -21.78 3.12
CA ALA A 233 -5.76 -20.97 2.49
C ALA A 233 -6.40 -19.75 1.84
N ALA A 234 -5.75 -18.60 1.97
CA ALA A 234 -6.21 -17.38 1.33
C ALA A 234 -4.97 -16.54 1.02
N PRO A 235 -5.08 -15.56 0.12
CA PRO A 235 -3.92 -14.71 -0.17
C PRO A 235 -3.42 -13.99 1.08
N PHE A 236 -2.11 -13.75 1.10
CA PHE A 236 -1.47 -13.09 2.23
C PHE A 236 -2.05 -11.69 2.43
N LEU A 237 -2.51 -11.42 3.65
CA LEU A 237 -3.13 -10.12 3.98
C LEU A 237 -4.30 -9.81 3.05
N THR A 238 -5.13 -10.82 2.80
CA THR A 238 -6.30 -10.58 1.96
C THR A 238 -7.27 -9.64 2.68
N PRO A 239 -7.82 -8.66 1.97
CA PRO A 239 -8.96 -7.90 2.51
C PRO A 239 -10.08 -8.85 2.88
N ILE A 240 -10.78 -8.50 3.96
CA ILE A 240 -11.91 -9.27 4.48
C ILE A 240 -12.98 -8.28 4.91
N SER A 241 -14.24 -8.57 4.55
CA SER A 241 -15.35 -7.79 5.10
C SER A 241 -16.58 -8.67 5.16
N ALA A 242 -17.29 -8.61 6.28
CA ALA A 242 -18.48 -9.41 6.49
C ALA A 242 -19.67 -8.53 6.80
N THR A 243 -20.86 -9.02 6.47
CA THR A 243 -22.09 -8.29 6.79
C THR A 243 -23.20 -9.31 7.00
N VAL A 244 -24.14 -8.98 7.89
CA VAL A 244 -25.22 -9.89 8.24
C VAL A 244 -26.53 -9.12 8.32
N SER A 245 -27.59 -9.73 7.80
CA SER A 245 -28.96 -9.24 7.94
CA SER A 245 -28.96 -9.25 7.93
C SER A 245 -29.87 -10.46 7.83
N PRO A 246 -31.04 -10.45 8.47
CA PRO A 246 -31.88 -11.64 8.43
C PRO A 246 -32.57 -11.82 7.08
N GLU A 247 -32.42 -13.03 6.51
CA GLU A 247 -33.15 -13.40 5.31
C GLU A 247 -34.19 -14.45 5.70
N LYS A 248 -35.46 -14.15 5.41
CA LYS A 248 -36.55 -15.00 5.84
C LYS A 248 -36.41 -15.35 7.32
N ASP A 249 -36.12 -14.33 8.11
CA ASP A 249 -36.07 -14.35 9.56
C ASP A 249 -34.88 -15.09 10.16
N PHE A 250 -33.89 -15.47 9.35
CA PHE A 250 -32.71 -16.12 9.89
C PHE A 250 -31.47 -15.34 9.46
N PRO A 251 -30.56 -15.03 10.38
CA PRO A 251 -29.38 -14.22 10.03
C PRO A 251 -28.58 -14.81 8.88
N LYS A 252 -28.34 -13.99 7.86
CA LYS A 252 -27.57 -14.42 6.69
C LYS A 252 -26.23 -13.69 6.74
N ILE A 253 -25.17 -14.41 7.14
CA ILE A 253 -23.83 -13.85 7.15
C ILE A 253 -23.24 -13.97 5.76
N HIS A 254 -22.63 -12.89 5.29
CA HIS A 254 -21.88 -12.87 4.04
C HIS A 254 -20.45 -12.49 4.39
N VAL A 255 -19.50 -13.37 4.08
CA VAL A 255 -18.08 -13.10 4.32
C VAL A 255 -17.39 -12.97 2.97
N TYR A 256 -16.71 -11.84 2.76
CA TYR A 256 -16.03 -11.56 1.49
C TYR A 256 -14.54 -11.42 1.70
N TRP A 257 -13.77 -12.02 0.78
CA TRP A 257 -12.33 -11.83 0.73
C TRP A 257 -11.91 -11.90 -0.73
N LEU A 258 -10.61 -11.73 -0.98
CA LEU A 258 -10.10 -11.69 -2.34
C LEU A 258 -9.36 -12.98 -2.67
N SER A 259 -9.53 -13.43 -3.91
CA SER A 259 -8.82 -14.57 -4.47
C SER A 259 -7.42 -14.14 -4.92
N VAL A 260 -6.62 -15.11 -5.39
CA VAL A 260 -5.30 -14.75 -5.93
C VAL A 260 -5.40 -13.90 -7.18
N GLU A 261 -6.54 -13.91 -7.86
CA GLU A 261 -6.78 -13.03 -8.99
CA GLU A 261 -6.80 -13.04 -8.99
C GLU A 261 -7.37 -11.69 -8.58
N SER A 262 -7.46 -11.43 -7.28
CA SER A 262 -8.07 -10.22 -6.76
C SER A 262 -9.53 -10.09 -7.19
N THR A 263 -10.22 -11.23 -7.31
CA THR A 263 -11.67 -11.24 -7.45
C THR A 263 -12.31 -11.56 -6.10
N ILE A 264 -13.56 -11.12 -5.94
CA ILE A 264 -14.21 -11.19 -4.64
C ILE A 264 -14.87 -12.55 -4.46
N ILE A 265 -14.51 -13.23 -3.38
CA ILE A 265 -15.08 -14.52 -3.00
CA ILE A 265 -15.07 -14.52 -2.99
C ILE A 265 -16.08 -14.29 -1.87
N GLU A 266 -17.21 -14.99 -1.92
CA GLU A 266 -18.25 -14.88 -0.91
C GLU A 266 -18.54 -16.23 -0.28
N SER A 267 -18.56 -16.28 1.05
CA SER A 267 -19.07 -17.41 1.81
CA SER A 267 -19.10 -17.42 1.77
C SER A 267 -20.31 -16.95 2.58
N VAL A 268 -21.42 -17.67 2.42
CA VAL A 268 -22.67 -17.33 3.10
C VAL A 268 -22.94 -18.36 4.19
N ASN A 269 -23.34 -17.86 5.36
CA ASN A 269 -23.88 -18.71 6.42
C ASN A 269 -25.35 -18.40 6.57
N TRP A 270 -26.19 -19.41 6.33
CA TRP A 270 -27.64 -19.26 6.42
C TRP A 270 -28.20 -20.68 6.46
N HIS A 271 -28.55 -21.14 7.66
CA HIS A 271 -28.82 -22.56 7.87
C HIS A 271 -27.65 -23.40 7.38
N GLY A 272 -26.45 -23.03 7.84
CA GLY A 272 -25.22 -23.69 7.47
C GLY A 272 -24.39 -22.85 6.50
N TRP A 273 -23.11 -23.18 6.42
CA TRP A 273 -22.21 -22.51 5.48
C TRP A 273 -22.38 -23.09 4.10
N LYS A 274 -22.39 -22.21 3.10
CA LYS A 274 -22.38 -22.59 1.70
C LYS A 274 -20.95 -22.46 1.18
N ALA A 275 -20.63 -23.24 0.15
CA ALA A 275 -19.28 -23.24 -0.38
C ALA A 275 -18.91 -21.84 -0.88
N PRO A 276 -17.63 -21.45 -0.74
CA PRO A 276 -17.20 -20.16 -1.27
C PRO A 276 -17.41 -20.10 -2.78
N LYS A 277 -17.81 -18.92 -3.27
CA LYS A 277 -18.01 -18.71 -4.69
CA LYS A 277 -17.94 -18.73 -4.69
C LYS A 277 -17.62 -17.29 -5.07
N GLN A 278 -17.01 -17.16 -6.24
CA GLN A 278 -16.66 -15.86 -6.78
C GLN A 278 -17.93 -15.13 -7.23
N ILE A 279 -18.08 -13.86 -6.82
CA ILE A 279 -19.32 -13.15 -7.15
C ILE A 279 -19.27 -12.54 -8.55
N ASP A 280 -18.07 -12.21 -9.05
CA ASP A 280 -17.86 -11.74 -10.40
C ASP A 280 -16.38 -11.94 -10.70
N ASN A 281 -16.00 -11.82 -11.98
CA ASN A 281 -14.65 -12.11 -12.40
C ASN A 281 -13.83 -10.85 -12.72
N ILE A 282 -14.20 -9.72 -12.14
CA ILE A 282 -13.49 -8.46 -12.38
C ILE A 282 -12.50 -8.26 -11.23
N SER A 283 -11.22 -8.10 -11.57
CA SER A 283 -10.16 -7.97 -10.57
C SER A 283 -10.17 -6.56 -9.98
N VAL A 284 -10.36 -6.47 -8.67
CA VAL A 284 -10.30 -5.18 -7.98
C VAL A 284 -8.85 -4.92 -7.59
N VAL A 285 -8.55 -3.71 -7.14
CA VAL A 285 -7.24 -3.46 -6.52
C VAL A 285 -7.23 -4.21 -5.20
N LYS A 286 -6.14 -4.96 -4.95
CA LYS A 286 -6.02 -5.70 -3.69
C LYS A 286 -5.83 -4.69 -2.58
N ALA A 287 -6.93 -4.37 -1.90
CA ALA A 287 -6.99 -3.28 -0.94
C ALA A 287 -8.34 -3.42 -0.24
N ASP A 288 -8.49 -2.67 0.86
CA ASP A 288 -9.64 -2.82 1.75
C ASP A 288 -10.97 -2.78 0.99
N ILE A 289 -11.89 -3.64 1.42
CA ILE A 289 -13.27 -3.62 0.94
C ILE A 289 -14.19 -3.43 2.15
N SER A 290 -15.45 -3.12 1.87
CA SER A 290 -16.40 -2.87 2.94
C SER A 290 -17.78 -3.30 2.47
N ALA A 291 -18.40 -4.23 3.20
CA ALA A 291 -19.72 -4.74 2.87
C ALA A 291 -20.77 -4.26 3.86
N THR A 292 -21.97 -4.05 3.35
CA THR A 292 -23.12 -3.69 4.18
C THR A 292 -24.36 -4.33 3.59
N SER A 293 -25.43 -4.40 4.38
CA SER A 293 -26.61 -5.16 3.95
C SER A 293 -27.84 -4.65 4.69
N PHE A 294 -29.00 -4.94 4.12
CA PHE A 294 -30.27 -4.68 4.80
C PHE A 294 -31.30 -5.69 4.32
N THR A 295 -32.37 -5.82 5.11
CA THR A 295 -33.45 -6.74 4.80
C THR A 295 -34.64 -5.95 4.25
N ARG A 296 -35.11 -6.33 3.07
CA ARG A 296 -36.27 -5.70 2.47
C ARG A 296 -37.54 -6.12 3.21
N ASP A 297 -38.64 -5.42 2.91
CA ASP A 297 -39.93 -5.78 3.49
C ASP A 297 -40.32 -7.22 3.19
N ASP A 298 -39.90 -7.76 2.05
CA ASP A 298 -40.25 -9.12 1.68
C ASP A 298 -39.35 -10.18 2.29
N GLY A 299 -38.39 -9.79 3.13
CA GLY A 299 -37.55 -10.75 3.80
C GLY A 299 -36.26 -11.11 3.07
N THR A 300 -36.01 -10.54 1.90
CA THR A 300 -34.77 -10.82 1.17
C THR A 300 -33.70 -9.80 1.53
N VAL A 301 -32.44 -10.20 1.41
CA VAL A 301 -31.31 -9.40 1.88
C VAL A 301 -30.52 -8.85 0.70
N ASP A 302 -30.41 -7.52 0.64
CA ASP A 302 -29.57 -6.81 -0.30
C ASP A 302 -28.19 -6.61 0.30
N VAL A 303 -27.15 -6.62 -0.54
CA VAL A 303 -25.78 -6.40 -0.12
C VAL A 303 -25.17 -5.31 -1.00
N ARG A 304 -24.35 -4.46 -0.40
CA ARG A 304 -23.51 -3.53 -1.15
C ARG A 304 -22.08 -3.75 -0.73
N ILE A 305 -21.16 -3.76 -1.69
CA ILE A 305 -19.74 -3.83 -1.41
C ILE A 305 -19.06 -2.62 -2.03
N TYR A 306 -18.21 -1.96 -1.23
CA TYR A 306 -17.40 -0.83 -1.67
C TYR A 306 -15.93 -1.22 -1.58
N GLY A 307 -15.13 -0.60 -2.43
CA GLY A 307 -13.70 -0.86 -2.42
C GLY A 307 -13.04 -0.10 -3.55
N THR A 308 -11.79 -0.49 -3.87
CA THR A 308 -11.03 0.18 -4.92
C THR A 308 -11.03 -0.69 -6.18
N ALA A 309 -11.50 -0.12 -7.28
CA ALA A 309 -11.40 -0.73 -8.60
C ALA A 309 -10.28 -0.08 -9.38
N GLN A 310 -9.83 -0.78 -10.43
CA GLN A 310 -8.79 -0.23 -11.29
C GLN A 310 -9.30 1.04 -11.96
N LEU A 311 -8.44 2.05 -12.11
CA LEU A 311 -7.07 2.07 -11.60
C LEU A 311 -7.05 2.54 -10.14
N ASN A 312 -7.85 3.56 -9.82
CA ASN A 312 -8.05 3.95 -8.42
C ASN A 312 -9.40 4.66 -8.33
N VAL A 313 -10.47 3.87 -8.28
CA VAL A 313 -11.82 4.42 -8.17
C VAL A 313 -12.59 3.66 -7.11
N LEU A 314 -13.54 4.36 -6.49
CA LEU A 314 -14.41 3.78 -5.47
C LEU A 314 -15.55 3.07 -6.17
N PHE A 315 -15.59 1.74 -6.05
CA PHE A 315 -16.63 0.97 -6.70
C PHE A 315 -17.80 0.70 -5.75
N GLU A 316 -18.96 0.43 -6.35
CA GLU A 316 -20.11 -0.11 -5.61
C GLU A 316 -20.64 -1.31 -6.38
N ARG A 317 -20.55 -2.48 -5.77
CA ARG A 317 -21.17 -3.70 -6.27
C ARG A 317 -22.48 -3.93 -5.54
N ILE A 318 -23.50 -4.38 -6.28
CA ILE A 318 -24.87 -4.42 -5.77
C ILE A 318 -25.42 -5.85 -5.90
N PHE A 319 -25.81 -6.43 -4.77
CA PHE A 319 -26.59 -7.66 -4.75
C PHE A 319 -28.03 -7.27 -4.40
N ARG A 320 -28.96 -7.51 -5.33
CA ARG A 320 -30.31 -7.00 -5.16
C ARG A 320 -31.27 -7.98 -5.80
N TYR A 321 -32.31 -8.35 -5.06
CA TYR A 321 -33.28 -9.35 -5.50
C TYR A 321 -32.61 -10.62 -6.00
N GLY A 322 -31.59 -11.05 -5.26
CA GLY A 322 -30.99 -12.36 -5.46
C GLY A 322 -29.92 -12.47 -6.52
N VAL A 323 -29.50 -11.36 -7.13
CA VAL A 323 -28.46 -11.39 -8.16
C VAL A 323 -27.46 -10.26 -7.94
N TRP A 324 -26.21 -10.51 -8.32
CA TRP A 324 -25.21 -9.44 -8.44
C TRP A 324 -25.45 -8.71 -9.74
N GLU A 325 -25.68 -7.42 -9.66
CA GLU A 325 -25.99 -6.67 -10.88
C GLU A 325 -24.74 -6.50 -11.74
N GLU A 326 -24.92 -6.57 -13.05
CA GLU A 326 -23.78 -6.51 -13.96
C GLU A 326 -23.16 -5.12 -13.97
N LYS A 327 -23.99 -4.09 -13.78
CA LYS A 327 -23.49 -2.72 -13.72
CA LYS A 327 -23.50 -2.71 -13.71
C LYS A 327 -22.80 -2.50 -12.37
N ILE A 328 -21.48 -2.27 -12.43
CA ILE A 328 -20.70 -1.94 -11.26
C ILE A 328 -20.41 -0.45 -11.33
N HIS A 329 -20.84 0.28 -10.32
CA HIS A 329 -20.78 1.74 -10.33
C HIS A 329 -19.43 2.23 -9.82
N SER A 330 -19.12 3.48 -10.16
CA SER A 330 -18.00 4.19 -9.56
C SER A 330 -18.53 5.48 -8.95
N ILE A 331 -17.97 5.86 -7.80
CA ILE A 331 -18.38 7.05 -7.06
C ILE A 331 -17.22 8.03 -7.08
N SER A 332 -17.36 9.14 -7.79
CA SER A 332 -16.26 10.08 -7.92
C SER A 332 -16.06 10.82 -6.60
N VAL A 333 -14.80 10.94 -6.17
CA VAL A 333 -14.45 11.62 -4.92
C VAL A 333 -13.48 12.76 -5.13
N GLY A 334 -13.23 13.14 -6.38
CA GLY A 334 -12.28 14.22 -6.65
C GLY A 334 -11.82 14.17 -8.10
N LYS A 335 -10.69 14.83 -8.34
CA LYS A 335 -10.17 14.93 -9.69
CA LYS A 335 -10.15 14.93 -9.69
C LYS A 335 -9.72 13.57 -10.21
N GLU A 336 -9.88 13.38 -11.52
CA GLU A 336 -9.65 12.09 -12.16
C GLU A 336 -8.95 12.31 -13.50
N ILE A 337 -8.16 11.33 -13.90
CA ILE A 337 -7.64 11.29 -15.27
C ILE A 337 -7.95 9.93 -15.89
N PRO A 338 -8.31 9.88 -17.17
CA PRO A 338 -8.49 8.61 -17.86
C PRO A 338 -7.15 8.16 -18.42
N ILE A 339 -6.89 6.86 -18.34
CA ILE A 339 -5.63 6.28 -18.81
C ILE A 339 -5.95 5.03 -19.62
N GLU A 340 -5.28 4.89 -20.77
CA GLU A 340 -5.41 3.68 -21.57
CA GLU A 340 -5.44 3.68 -21.55
C GLU A 340 -4.73 2.52 -20.87
N VAL A 341 -5.38 1.36 -20.89
CA VAL A 341 -4.88 0.13 -20.28
C VAL A 341 -4.75 -0.92 -21.37
N VAL A 342 -3.61 -1.60 -21.41
CA VAL A 342 -3.37 -2.68 -22.37
CA VAL A 342 -3.36 -2.68 -22.37
C VAL A 342 -3.03 -3.95 -21.61
N GLY A 343 -3.67 -5.06 -22.00
CA GLY A 343 -3.36 -6.35 -21.42
C GLY A 343 -2.07 -6.90 -22.00
N VAL A 344 -1.18 -7.35 -21.13
CA VAL A 344 0.10 -7.89 -21.56
CA VAL A 344 0.13 -7.86 -21.53
C VAL A 344 0.31 -9.25 -20.91
N ALA A 345 0.84 -10.18 -21.70
CA ALA A 345 1.10 -11.53 -21.25
C ALA A 345 2.46 -11.61 -20.55
N ALA A 346 2.70 -12.72 -19.88
CA ALA A 346 3.98 -12.94 -19.22
C ALA A 346 5.08 -13.15 -20.26
N ALA A 347 6.30 -12.75 -19.88
CA ALA A 347 7.45 -12.85 -20.78
C ALA A 347 7.76 -14.29 -21.15
N PRO B 3 -2.09 -22.39 4.64
CA PRO B 3 -1.07 -21.66 3.89
C PRO B 3 -1.64 -20.37 3.31
N VAL B 4 -0.79 -19.52 2.77
CA VAL B 4 -1.26 -18.42 1.94
C VAL B 4 -1.22 -18.83 0.48
N GLU B 5 -2.18 -18.31 -0.29
CA GLU B 5 -2.27 -18.58 -1.71
C GLU B 5 -1.47 -17.57 -2.51
N PHE B 6 -0.83 -18.04 -3.57
CA PHE B 6 -0.02 -17.21 -4.46
C PHE B 6 -0.27 -17.66 -5.88
N PRO B 7 -0.24 -16.75 -6.86
CA PRO B 7 -0.46 -17.17 -8.25
C PRO B 7 0.52 -18.26 -8.66
N LYS B 8 -0.03 -19.37 -9.15
CA LYS B 8 0.78 -20.55 -9.45
CA LYS B 8 0.81 -20.53 -9.43
C LYS B 8 1.81 -20.26 -10.55
N SER B 9 1.50 -19.34 -11.46
CA SER B 9 2.38 -19.02 -12.59
CA SER B 9 2.40 -19.06 -12.57
C SER B 9 3.54 -18.11 -12.20
N LEU B 10 3.57 -17.59 -10.98
CA LEU B 10 4.62 -16.68 -10.53
C LEU B 10 5.52 -17.40 -9.54
N ARG B 11 6.78 -16.97 -9.48
CA ARG B 11 7.74 -17.50 -8.53
C ARG B 11 7.85 -16.53 -7.36
N ALA B 12 7.59 -17.02 -6.14
CA ALA B 12 7.64 -16.17 -4.96
C ALA B 12 9.05 -15.97 -4.42
N SER B 13 9.98 -16.84 -4.77
CA SER B 13 11.32 -16.78 -4.20
C SER B 13 12.29 -17.53 -5.09
N SER B 14 13.58 -17.42 -4.77
CA SER B 14 14.58 -18.14 -5.54
CA SER B 14 14.62 -18.14 -5.50
C SER B 14 14.48 -19.65 -5.35
N HIS B 15 13.81 -20.11 -4.28
CA HIS B 15 13.62 -21.55 -4.07
C HIS B 15 12.28 -22.04 -4.59
N SER B 16 11.52 -21.20 -5.28
CA SER B 16 10.31 -21.66 -5.94
C SER B 16 10.66 -22.63 -7.07
N SER B 17 9.70 -23.47 -7.42
CA SER B 17 9.87 -24.36 -8.56
CA SER B 17 9.89 -24.36 -8.55
C SER B 17 10.18 -23.55 -9.81
N GLU B 18 10.84 -24.21 -10.77
CA GLU B 18 11.26 -23.52 -11.99
C GLU B 18 10.07 -22.90 -12.72
N GLY B 19 8.93 -23.60 -12.73
CA GLY B 19 7.78 -23.15 -13.48
C GLY B 19 6.78 -22.31 -12.72
N GLY B 20 7.08 -21.92 -11.48
CA GLY B 20 6.16 -21.15 -10.68
C GLY B 20 6.21 -21.61 -9.25
N THR B 21 5.22 -21.21 -8.48
CA THR B 21 5.16 -21.59 -7.07
C THR B 21 4.29 -22.83 -6.93
N THR B 22 4.81 -23.83 -6.22
CA THR B 22 4.07 -25.04 -5.91
C THR B 22 3.74 -25.05 -4.42
N LYS B 23 4.72 -25.44 -3.62
CA LYS B 23 4.61 -25.42 -2.16
CA LYS B 23 4.61 -25.41 -2.17
C LYS B 23 5.97 -25.03 -1.60
N GLU B 24 5.99 -23.99 -0.76
CA GLU B 24 7.25 -23.52 -0.20
C GLU B 24 6.94 -22.75 1.08
N GLU B 25 8.00 -22.38 1.79
CA GLU B 25 7.92 -21.52 2.95
C GLU B 25 8.50 -20.15 2.60
N ASP B 26 7.80 -19.09 3.00
CA ASP B 26 8.33 -17.74 2.87
C ASP B 26 8.15 -17.00 4.19
N ILE B 27 8.79 -15.85 4.28
CA ILE B 27 8.96 -15.15 5.56
C ILE B 27 8.18 -13.85 5.55
N TYR B 28 7.54 -13.56 6.69
CA TYR B 28 6.84 -12.30 6.95
C TYR B 28 7.59 -11.57 8.06
N GLY B 29 8.32 -10.52 7.69
CA GLY B 29 8.93 -9.65 8.69
C GLY B 29 7.94 -8.56 9.04
N TYR B 30 7.24 -8.71 10.15
CA TYR B 30 6.11 -7.83 10.41
C TYR B 30 6.51 -6.53 11.10
N GLU B 31 7.79 -6.34 11.41
CA GLU B 31 8.25 -5.05 11.91
C GLU B 31 8.84 -4.17 10.82
N LEU B 32 8.80 -4.63 9.57
CA LEU B 32 9.04 -3.80 8.40
C LEU B 32 7.68 -3.29 7.92
N LEU B 33 7.56 -1.97 7.71
CA LEU B 33 6.30 -1.46 7.17
C LEU B 33 5.96 -2.20 5.89
N TYR B 34 4.71 -2.66 5.77
CA TYR B 34 4.34 -3.37 4.55
C TYR B 34 4.47 -2.40 3.37
N ARG B 35 5.25 -2.81 2.37
CA ARG B 35 5.55 -1.96 1.21
C ARG B 35 6.32 -0.71 1.60
N SER B 36 7.28 -0.87 2.51
CA SER B 36 8.13 0.24 2.94
C SER B 36 8.82 0.90 1.75
N ALA B 37 9.02 2.21 1.85
CA ALA B 37 9.97 2.86 0.96
C ALA B 37 11.39 2.40 1.27
N PHE B 38 12.26 2.50 0.28
CA PHE B 38 13.67 2.19 0.47
C PHE B 38 14.55 3.26 -0.16
N ALA B 39 15.59 3.66 0.57
CA ALA B 39 16.71 4.41 0.04
C ALA B 39 17.97 3.61 0.31
N SER B 40 19.02 3.88 -0.43
CA SER B 40 20.24 3.07 -0.27
C SER B 40 21.45 3.81 -0.83
N TYR B 41 22.63 3.40 -0.37
CA TYR B 41 23.87 3.86 -0.98
C TYR B 41 24.98 2.89 -0.58
N ILE B 42 25.65 2.32 -1.57
CA ILE B 42 26.84 1.52 -1.33
C ILE B 42 28.04 2.44 -1.37
N ALA B 43 29.02 2.19 -0.51
CA ALA B 43 30.24 2.98 -0.54
C ALA B 43 30.89 2.86 -1.92
N PRO B 44 31.48 3.94 -2.44
CA PRO B 44 32.16 3.84 -3.73
C PRO B 44 33.28 2.82 -3.74
N THR B 45 33.84 2.48 -2.58
CA THR B 45 34.84 1.43 -2.50
C THR B 45 34.21 0.04 -2.49
N GLY B 46 32.89 -0.05 -2.34
CA GLY B 46 32.24 -1.32 -2.10
C GLY B 46 32.42 -1.90 -0.72
N ALA B 47 33.04 -1.16 0.22
CA ALA B 47 33.44 -1.76 1.50
C ALA B 47 32.28 -1.93 2.47
N TRP B 48 31.23 -1.11 2.35
CA TRP B 48 30.09 -1.18 3.24
C TRP B 48 28.86 -0.68 2.49
N ASN B 49 27.69 -0.95 3.07
CA ASN B 49 26.40 -0.70 2.43
C ASN B 49 25.47 0.00 3.41
N LEU B 50 24.70 0.96 2.91
CA LEU B 50 23.65 1.62 3.68
C LEU B 50 22.29 1.41 3.00
N VAL B 51 21.28 1.07 3.80
CA VAL B 51 19.90 0.98 3.35
C VAL B 51 19.04 1.66 4.41
N TRP B 52 18.05 2.44 3.96
CA TRP B 52 17.10 3.03 4.88
C TRP B 52 15.68 2.58 4.53
N PHE B 53 14.85 2.44 5.56
CA PHE B 53 13.52 1.88 5.40
C PHE B 53 12.65 2.38 6.54
N GLN B 54 11.35 2.14 6.42
CA GLN B 54 10.41 2.52 7.47
C GLN B 54 9.95 1.27 8.22
N ALA B 55 10.08 1.32 9.54
CA ALA B 55 9.61 0.24 10.39
C ALA B 55 8.09 0.33 10.51
N ALA B 56 7.47 -0.76 10.97
CA ALA B 56 6.03 -0.77 11.13
C ALA B 56 5.55 0.35 12.05
N ASP B 57 6.34 0.72 13.06
CA ASP B 57 5.96 1.78 13.99
C ASP B 57 6.17 3.18 13.42
N GLY B 58 6.58 3.28 12.15
CA GLY B 58 6.76 4.55 11.49
C GLY B 58 8.13 5.17 11.65
N SER B 59 8.96 4.67 12.55
CA SER B 59 10.32 5.17 12.62
C SER B 59 11.05 4.86 11.33
N ILE B 60 12.09 5.64 11.03
CA ILE B 60 12.96 5.38 9.89
C ILE B 60 14.23 4.74 10.43
N LYS B 61 14.58 3.58 9.88
CA LYS B 61 15.70 2.80 10.36
C LYS B 61 16.75 2.69 9.26
N GLN B 62 17.92 2.23 9.67
CA GLN B 62 19.07 2.07 8.78
C GLN B 62 19.59 0.65 8.95
N ALA B 63 19.89 -0.01 7.83
CA ALA B 63 20.62 -1.27 7.84
C ALA B 63 21.97 -0.97 7.21
N ARG B 64 23.04 -1.25 7.96
CA ARG B 64 24.39 -0.97 7.49
C ARG B 64 25.16 -2.29 7.47
N TRP B 65 25.74 -2.61 6.32
CA TRP B 65 26.53 -3.83 6.19
C TRP B 65 28.01 -3.50 6.32
N TYR B 66 28.66 -4.16 7.26
CA TYR B 66 30.12 -4.11 7.41
CA TYR B 66 30.11 -4.12 7.38
C TYR B 66 30.52 -5.45 8.03
N GLY B 67 30.72 -6.45 7.19
CA GLY B 67 30.91 -7.81 7.71
C GLY B 67 29.58 -8.49 8.01
N GLU B 68 28.66 -7.79 8.68
CA GLU B 68 27.29 -8.24 8.88
C GLU B 68 26.40 -7.00 8.87
N TRP B 69 25.09 -7.23 8.80
CA TRP B 69 24.13 -6.13 8.84
C TRP B 69 23.88 -5.72 10.29
N VAL B 70 23.81 -4.40 10.50
CA VAL B 70 23.47 -3.81 11.79
C VAL B 70 22.31 -2.85 11.58
N ILE B 71 21.26 -3.00 12.39
CA ILE B 71 20.06 -2.17 12.31
C ILE B 71 20.14 -1.08 13.37
N SER B 72 19.81 0.15 12.99
CA SER B 72 19.71 1.26 13.93
C SER B 72 18.53 2.14 13.53
N THR B 73 18.14 3.03 14.43
CA THR B 73 17.06 3.98 14.18
C THR B 73 17.66 5.35 13.87
N VAL B 74 17.25 5.95 12.75
CA VAL B 74 17.73 7.27 12.39
C VAL B 74 16.70 8.37 12.61
N LEU B 75 15.40 8.07 12.55
CA LEU B 75 14.35 9.04 12.82
C LEU B 75 13.31 8.37 13.70
N ALA B 76 13.02 9.01 14.83
CA ALA B 76 12.08 8.48 15.81
C ALA B 76 10.68 8.36 15.22
N PRO B 77 9.84 7.50 15.79
CA PRO B 77 8.41 7.54 15.43
C PRO B 77 7.88 8.95 15.62
N GLY B 78 6.97 9.35 14.73
CA GLY B 78 6.39 10.67 14.75
C GLY B 78 7.04 11.68 13.81
N LYS B 79 8.25 11.40 13.34
CA LYS B 79 8.95 12.35 12.46
C LYS B 79 8.42 12.26 11.04
N ALA B 80 8.10 11.05 10.58
CA ALA B 80 7.82 10.79 9.18
C ALA B 80 6.37 10.39 8.96
N LEU B 81 5.82 10.82 7.83
CA LEU B 81 4.56 10.30 7.33
C LEU B 81 4.59 8.78 7.32
N GLN B 82 3.48 8.16 7.72
CA GLN B 82 3.36 6.71 7.56
C GLN B 82 3.25 6.41 6.08
N GLY B 83 4.24 5.70 5.53
CA GLY B 83 4.34 5.52 4.11
C GLY B 83 5.18 6.56 3.40
N THR B 84 6.04 7.28 4.13
CA THR B 84 6.86 8.31 3.51
C THR B 84 7.72 7.73 2.39
N PRO B 85 7.96 8.49 1.33
CA PRO B 85 9.07 8.15 0.43
C PRO B 85 10.40 8.45 1.11
N LEU B 86 11.47 7.89 0.54
CA LEU B 86 12.83 8.09 1.05
C LEU B 86 13.79 8.19 -0.12
N THR B 87 14.79 9.05 0.01
CA THR B 87 15.88 9.07 -0.96
C THR B 87 17.12 9.62 -0.27
N ALA B 88 18.31 9.13 -0.66
CA ALA B 88 19.53 9.42 0.07
C ALA B 88 20.65 9.94 -0.81
N LEU B 89 21.55 10.71 -0.18
CA LEU B 89 22.79 11.19 -0.78
C LEU B 89 23.97 10.75 0.07
N LEU B 90 25.10 10.52 -0.59
CA LEU B 90 26.35 10.15 0.07
C LEU B 90 27.48 10.79 -0.71
N TRP B 91 28.33 11.59 -0.05
CA TRP B 91 29.48 12.16 -0.75
C TRP B 91 30.63 12.36 0.23
N GLY B 92 31.76 12.84 -0.30
CA GLY B 92 32.85 13.23 0.56
C GLY B 92 34.27 12.70 0.35
N PRO B 93 34.47 11.56 -0.37
CA PRO B 93 33.58 10.71 -1.16
C PRO B 93 32.53 9.91 -0.40
N GLN B 94 32.73 9.64 0.90
CA GLN B 94 31.80 8.73 1.54
C GLN B 94 31.70 8.98 3.05
N ASP B 95 31.73 10.24 3.46
CA ASP B 95 31.65 10.58 4.88
C ASP B 95 30.47 11.49 5.23
N THR B 96 29.62 11.83 4.27
CA THR B 96 28.52 12.77 4.50
C THR B 96 27.27 12.20 3.88
N VAL B 97 26.21 12.05 4.67
CA VAL B 97 24.96 11.43 4.25
C VAL B 97 23.82 12.41 4.46
N ARG B 98 22.90 12.43 3.50
CA ARG B 98 21.63 13.13 3.67
C ARG B 98 20.50 12.16 3.33
N LEU B 99 19.43 12.21 4.11
CA LEU B 99 18.24 11.41 3.85
C LEU B 99 17.03 12.33 3.79
N TYR B 100 16.26 12.25 2.71
CA TYR B 100 15.08 13.08 2.53
C TYR B 100 13.82 12.24 2.70
N TYR B 101 12.82 12.84 3.32
CA TYR B 101 11.58 12.14 3.66
C TYR B 101 10.49 13.20 3.79
N LEU B 102 9.26 12.75 4.02
CA LEU B 102 8.13 13.65 4.22
C LEU B 102 7.67 13.61 5.67
N SER B 103 7.34 14.80 6.21
CA SER B 103 6.70 14.88 7.50
C SER B 103 5.26 14.39 7.40
N PRO B 104 4.58 14.15 8.53
CA PRO B 104 3.17 13.79 8.47
C PRO B 104 2.29 14.85 7.86
N GLN B 105 2.80 16.07 7.69
CA GLN B 105 2.10 17.18 7.04
CA GLN B 105 2.08 17.15 7.03
C GLN B 105 2.53 17.36 5.59
N PHE B 106 3.21 16.38 5.02
CA PHE B 106 3.59 16.38 3.60
C PHE B 106 4.56 17.50 3.24
N GLU B 107 5.48 17.83 4.16
CA GLU B 107 6.54 18.78 3.89
C GLU B 107 7.87 18.06 3.75
N LEU B 108 8.70 18.54 2.81
CA LEU B 108 10.06 18.01 2.64
C LEU B 108 10.83 18.12 3.95
N GLN B 109 11.50 17.04 4.34
CA GLN B 109 12.35 17.02 5.52
C GLN B 109 13.71 16.43 5.17
N GLU B 110 14.71 16.78 5.97
CA GLU B 110 16.10 16.43 5.72
C GLU B 110 16.75 15.93 7.00
N TRP B 111 17.41 14.78 6.91
CA TRP B 111 18.20 14.26 8.01
C TRP B 111 19.67 14.22 7.59
N CYS B 112 20.56 14.64 8.49
CA CYS B 112 21.97 14.81 8.17
C CYS B 112 22.83 13.95 9.07
N TRP B 113 23.84 13.31 8.46
CA TRP B 113 24.79 12.49 9.21
C TRP B 113 26.18 12.80 8.67
N ASP B 114 26.99 13.47 9.49
CA ASP B 114 28.33 13.92 9.10
C ASP B 114 29.38 13.13 9.89
N THR B 115 30.34 12.53 9.19
CA THR B 115 31.40 11.77 9.85
C THR B 115 32.81 12.24 9.49
N LYS B 116 32.96 13.42 8.91
CA LYS B 116 34.30 13.91 8.60
C LYS B 116 35.13 14.05 9.88
N ASN B 117 36.44 13.76 9.75
CA ASN B 117 37.42 13.95 10.80
C ASN B 117 37.18 13.08 12.03
N GLY B 118 36.46 11.97 11.88
CA GLY B 118 36.17 11.11 13.01
C GLY B 118 35.03 11.59 13.88
N ALA B 119 34.43 12.72 13.57
CA ALA B 119 33.25 13.14 14.29
C ALA B 119 32.04 12.29 13.88
N ASP B 120 30.97 12.41 14.64
CA ASP B 120 29.71 11.81 14.23
C ASP B 120 28.61 12.75 14.69
N ASN B 121 28.01 13.48 13.75
CA ASN B 121 26.95 14.43 14.03
C ASN B 121 25.71 14.01 13.25
N LYS B 122 24.59 13.92 13.96
CA LYS B 122 23.30 13.59 13.37
CA LYS B 122 23.30 13.59 13.37
C LYS B 122 22.31 14.67 13.78
N TYR B 123 21.59 15.22 12.80
CA TYR B 123 20.74 16.38 13.11
C TYR B 123 19.76 16.62 11.96
N ASP B 124 18.73 17.42 12.26
CA ASP B 124 17.78 17.82 11.22
C ASP B 124 18.42 18.87 10.31
N GLY B 125 18.20 18.72 9.01
CA GLY B 125 18.71 19.68 8.05
C GLY B 125 17.84 20.92 7.94
N ALA B 126 18.39 21.93 7.27
CA ALA B 126 17.71 23.21 7.13
C ALA B 126 16.56 23.17 6.13
N LEU B 127 16.44 22.11 5.33
CA LEU B 127 15.34 22.08 4.37
C LEU B 127 13.99 22.17 5.06
N ASN B 128 13.90 21.64 6.29
CA ASN B 128 12.66 21.69 7.06
C ASN B 128 12.13 23.12 7.19
N ALA B 129 13.03 24.11 7.26
CA ALA B 129 12.60 25.49 7.48
C ALA B 129 11.77 26.02 6.32
N ALA B 130 12.00 25.52 5.11
CA ALA B 130 11.28 26.05 3.95
C ALA B 130 9.82 25.63 3.90
N LYS B 131 9.45 24.60 4.66
CA LYS B 131 8.06 24.14 4.76
C LYS B 131 7.48 23.86 3.37
N VAL B 132 8.21 23.08 2.58
CA VAL B 132 7.85 22.83 1.20
C VAL B 132 6.74 21.77 1.20
N LYS B 133 5.49 22.21 0.98
CA LYS B 133 4.36 21.29 0.90
CA LYS B 133 4.37 21.28 0.91
C LYS B 133 4.31 20.65 -0.47
N VAL B 134 4.29 19.32 -0.51
CA VAL B 134 4.32 18.58 -1.77
C VAL B 134 2.98 17.88 -1.95
N ALA B 135 2.74 17.38 -3.17
CA ALA B 135 1.58 16.52 -3.35
C ALA B 135 1.64 15.37 -2.35
N PRO B 136 0.54 15.00 -1.71
CA PRO B 136 0.64 14.04 -0.59
C PRO B 136 1.16 12.67 -0.98
N TYR B 137 1.01 12.28 -2.25
CA TYR B 137 1.53 11.03 -2.78
C TYR B 137 2.88 11.20 -3.47
N SER B 138 3.55 12.34 -3.27
CA SER B 138 4.82 12.58 -3.95
C SER B 138 5.88 11.55 -3.54
N LYS B 139 6.69 11.14 -4.51
CA LYS B 139 7.93 10.45 -4.20
C LYS B 139 9.06 11.48 -4.17
N LEU B 140 10.28 11.01 -3.98
CA LEU B 140 11.44 11.90 -3.81
C LEU B 140 12.66 11.36 -4.55
N GLY B 141 13.41 12.27 -5.16
CA GLY B 141 14.72 11.95 -5.70
C GLY B 141 15.71 13.03 -5.30
N ALA B 142 17.00 12.75 -5.50
CA ALA B 142 18.01 13.72 -5.10
C ALA B 142 19.35 13.36 -5.73
N VAL B 143 20.16 14.38 -6.00
CA VAL B 143 21.54 14.20 -6.42
C VAL B 143 22.43 15.21 -5.69
N SER B 144 23.74 14.98 -5.74
CA SER B 144 24.72 15.91 -5.22
C SER B 144 25.84 16.08 -6.23
N PHE B 145 26.49 17.24 -6.23
CA PHE B 145 27.61 17.49 -7.13
C PHE B 145 28.51 18.56 -6.53
N GLY B 146 29.72 18.65 -7.09
CA GLY B 146 30.68 19.64 -6.59
C GLY B 146 30.84 19.60 -5.09
N GLY B 147 30.82 18.40 -4.51
CA GLY B 147 30.76 18.26 -3.07
C GLY B 147 29.35 18.47 -2.56
N ALA B 148 29.14 19.57 -1.82
CA ALA B 148 27.89 19.82 -1.11
C ALA B 148 26.92 20.72 -1.88
N ASN B 149 26.77 20.55 -3.19
CA ASN B 149 25.67 21.15 -3.93
C ASN B 149 24.60 20.07 -4.08
N LEU B 150 23.41 20.33 -3.55
CA LEU B 150 22.38 19.31 -3.45
C LEU B 150 21.16 19.71 -4.26
N ARG B 151 20.47 18.71 -4.80
CA ARG B 151 19.23 18.92 -5.52
C ARG B 151 18.23 17.89 -5.02
N VAL B 152 17.02 18.34 -4.69
CA VAL B 152 15.93 17.47 -4.26
C VAL B 152 14.79 17.61 -5.26
N TYR B 153 14.26 16.48 -5.71
CA TYR B 153 13.19 16.43 -6.71
C TYR B 153 11.95 15.81 -6.09
N TYR B 154 10.80 16.41 -6.37
CA TYR B 154 9.56 16.00 -5.75
C TYR B 154 8.42 16.37 -6.69
N GLN B 155 7.22 15.93 -6.34
CA GLN B 155 6.03 16.25 -7.13
C GLN B 155 5.27 17.35 -6.39
N GLY B 156 5.12 18.50 -7.04
CA GLY B 156 4.37 19.59 -6.47
C GLY B 156 2.88 19.33 -6.47
N THR B 157 2.14 20.26 -5.86
CA THR B 157 0.72 20.05 -5.62
C THR B 157 -0.10 20.04 -6.92
N ASN B 158 0.44 20.58 -8.01
CA ASN B 158 -0.22 20.50 -9.30
C ASN B 158 0.31 19.35 -10.14
N ASN B 159 1.04 18.42 -9.52
CA ASN B 159 1.56 17.19 -10.12
C ASN B 159 2.78 17.36 -11.01
N LYS B 160 3.29 18.57 -11.21
CA LYS B 160 4.54 18.74 -11.94
CA LYS B 160 4.54 18.74 -11.94
C LYS B 160 5.70 18.30 -11.06
N LEU B 161 6.79 17.87 -11.70
CA LEU B 161 8.01 17.61 -10.96
C LEU B 161 8.73 18.93 -10.70
N GLU B 162 9.29 19.06 -9.51
CA GLU B 162 9.87 20.29 -9.02
C GLU B 162 11.22 20.02 -8.39
N GLU B 163 12.07 21.06 -8.36
CA GLU B 163 13.43 20.98 -7.84
C GLU B 163 13.62 21.99 -6.72
N TYR B 164 14.33 21.58 -5.67
CA TYR B 164 14.86 22.47 -4.65
C TYR B 164 16.39 22.35 -4.67
N THR B 165 17.08 23.47 -4.43
CA THR B 165 18.53 23.52 -4.58
C THR B 165 19.20 23.98 -3.30
N PHE B 166 20.44 23.49 -3.10
CA PHE B 166 21.26 23.88 -1.97
C PHE B 166 22.70 23.98 -2.44
N GLY B 167 23.40 25.03 -2.01
CA GLY B 167 24.82 25.12 -2.30
C GLY B 167 25.31 26.53 -2.54
N GLY B 168 26.63 26.70 -2.64
CA GLY B 168 27.21 28.01 -2.90
C GLY B 168 26.94 29.03 -1.83
N GLY B 169 26.69 28.59 -0.59
CA GLY B 169 26.35 29.51 0.48
C GLY B 169 24.99 30.15 0.36
N GLN B 170 24.13 29.66 -0.53
CA GLN B 170 22.81 30.24 -0.74
C GLN B 170 21.74 29.65 0.16
N GLY B 171 22.02 28.54 0.82
CA GLY B 171 20.98 27.81 1.52
C GLY B 171 20.00 27.16 0.54
N TRP B 172 18.90 26.66 1.10
CA TRP B 172 17.88 26.01 0.30
C TRP B 172 17.02 27.06 -0.42
N LYS B 173 16.81 26.86 -1.72
CA LYS B 173 16.00 27.76 -2.53
CA LYS B 173 16.01 27.76 -2.54
C LYS B 173 15.23 26.94 -3.55
N LYS B 174 14.07 27.47 -3.95
CA LYS B 174 13.31 26.81 -5.00
C LYS B 174 14.10 26.82 -6.30
N GLY B 175 14.18 25.67 -6.95
CA GLY B 175 14.81 25.52 -8.23
C GLY B 175 13.79 25.48 -9.36
N ALA B 176 14.13 24.73 -10.41
CA ALA B 176 13.33 24.71 -11.62
C ALA B 176 12.03 23.94 -11.41
N THR B 177 11.05 24.26 -12.26
CA THR B 177 9.91 23.38 -12.52
C THR B 177 10.25 22.59 -13.77
N LEU B 178 10.15 21.26 -13.67
CA LEU B 178 10.62 20.41 -14.75
C LEU B 178 9.54 20.21 -15.81
N PRO B 179 9.94 19.89 -17.04
CA PRO B 179 8.96 19.68 -18.12
C PRO B 179 8.22 18.35 -17.98
N GLY B 180 7.29 18.09 -18.88
CA GLY B 180 6.58 16.83 -18.89
C GLY B 180 5.29 16.86 -18.07
N ASP B 181 4.56 15.75 -18.15
CA ASP B 181 3.23 15.61 -17.56
CA ASP B 181 3.23 15.61 -17.55
C ASP B 181 3.25 14.37 -16.66
N PRO B 182 3.71 14.50 -15.42
CA PRO B 182 3.92 13.31 -14.58
C PRO B 182 2.63 12.73 -14.05
N LEU B 183 2.59 11.40 -13.98
CA LEU B 183 1.46 10.73 -13.35
C LEU B 183 1.39 11.16 -11.88
N PRO B 184 0.22 11.54 -11.37
CA PRO B 184 0.13 11.80 -9.93
C PRO B 184 0.55 10.57 -9.14
N GLY B 185 1.50 10.77 -8.23
CA GLY B 185 2.04 9.68 -7.43
C GLY B 185 3.14 8.89 -8.07
N THR B 186 3.64 9.31 -9.24
CA THR B 186 4.69 8.57 -9.92
C THR B 186 5.90 8.32 -9.02
N TYR B 187 6.50 7.15 -9.16
CA TYR B 187 7.82 6.98 -8.59
C TYR B 187 8.80 7.82 -9.39
N ILE B 188 9.87 8.25 -8.72
CA ILE B 188 10.87 9.09 -9.38
C ILE B 188 12.25 8.70 -8.89
N SER B 189 13.23 8.86 -9.77
CA SER B 189 14.60 8.54 -9.40
C SER B 189 15.53 9.41 -10.23
N PHE B 190 16.41 10.14 -9.56
CA PHE B 190 17.35 11.04 -10.21
C PHE B 190 18.78 10.62 -9.90
N VAL B 191 19.65 10.76 -10.90
CA VAL B 191 21.05 10.34 -10.80
C VAL B 191 21.93 11.42 -11.40
N ASN B 192 23.20 11.42 -10.99
CA ASN B 192 24.22 12.31 -11.53
C ASN B 192 25.27 11.46 -12.23
N ARG B 193 25.38 11.63 -13.55
CA ARG B 193 26.33 10.87 -14.35
C ARG B 193 27.78 11.29 -14.13
N ASN B 194 28.02 12.46 -13.56
CA ASN B 194 29.37 12.94 -13.29
C ASN B 194 29.76 12.66 -11.84
N LYS B 195 31.06 12.78 -11.57
CA LYS B 195 31.59 12.39 -10.27
C LYS B 195 31.11 13.33 -9.16
N TRP B 196 31.10 12.80 -7.94
CA TRP B 196 30.50 13.53 -6.82
C TRP B 196 31.15 14.90 -6.58
N ASP B 197 32.44 15.03 -6.90
CA ASP B 197 33.16 16.28 -6.68
C ASP B 197 33.30 17.12 -7.95
N ALA B 198 32.64 16.71 -9.04
CA ALA B 198 32.74 17.43 -10.30
C ALA B 198 31.61 18.44 -10.41
N ASN B 199 31.86 19.48 -11.21
CA ASN B 199 30.94 20.58 -11.44
C ASN B 199 31.26 21.09 -12.84
N PRO B 200 30.30 21.03 -13.79
CA PRO B 200 28.87 20.77 -13.62
C PRO B 200 28.47 19.31 -13.48
N PRO B 201 27.27 19.07 -12.96
CA PRO B 201 26.70 17.72 -12.95
C PRO B 201 26.10 17.41 -14.32
N SER B 202 25.70 16.15 -14.48
CA SER B 202 25.00 15.67 -15.67
C SER B 202 23.84 14.86 -15.13
N ILE B 203 22.65 15.46 -15.04
CA ILE B 203 21.58 14.91 -14.24
C ILE B 203 20.53 14.24 -15.12
N ARG B 204 20.03 13.10 -14.67
CA ARG B 204 18.94 12.40 -15.33
C ARG B 204 17.91 12.00 -14.29
N GLY B 205 16.65 12.15 -14.64
CA GLY B 205 15.57 11.69 -13.78
C GLY B 205 14.61 10.81 -14.56
N TYR B 206 14.04 9.82 -13.86
CA TYR B 206 13.13 8.87 -14.47
C TYR B 206 11.79 8.89 -13.75
N PHE B 207 10.70 8.85 -14.52
CA PHE B 207 9.36 8.97 -13.94
C PHE B 207 8.35 8.39 -14.91
N GLN B 208 7.11 8.26 -14.43
CA GLN B 208 6.00 7.77 -15.23
C GLN B 208 5.06 8.93 -15.55
N THR B 209 4.59 8.99 -16.80
CA THR B 209 3.74 10.08 -17.26
C THR B 209 2.27 9.73 -17.09
N VAL B 210 1.41 10.72 -17.39
CA VAL B 210 -0.04 10.53 -17.29
C VAL B 210 -0.56 9.49 -18.28
N THR B 211 0.21 9.14 -19.31
CA THR B 211 -0.24 8.12 -20.25
C THR B 211 0.16 6.71 -19.81
N GLY B 212 0.98 6.59 -18.77
CA GLY B 212 1.52 5.32 -18.35
C GLY B 212 2.92 5.05 -18.86
N SER B 213 3.40 5.83 -19.81
CA SER B 213 4.75 5.65 -20.32
C SER B 213 5.79 6.05 -19.27
N LEU B 214 7.00 5.56 -19.46
CA LEU B 214 8.13 6.05 -18.68
C LEU B 214 8.90 7.09 -19.50
N ALA B 215 9.43 8.09 -18.81
CA ALA B 215 10.05 9.23 -19.45
C ALA B 215 11.28 9.66 -18.66
N GLU B 216 12.04 10.61 -19.21
CA GLU B 216 13.33 10.99 -18.69
C GLU B 216 13.48 12.51 -18.67
N GLN B 217 13.99 13.02 -17.55
CA GLN B 217 14.37 14.42 -17.41
C GLN B 217 15.88 14.50 -17.60
N VAL B 218 16.33 15.52 -18.35
CA VAL B 218 17.75 15.68 -18.68
C VAL B 218 18.19 17.09 -18.31
N TRP B 219 19.24 17.21 -17.50
CA TRP B 219 19.94 18.47 -17.30
C TRP B 219 21.39 18.27 -17.74
N GLU B 220 21.76 18.94 -18.83
CA GLU B 220 23.09 18.75 -19.41
C GLU B 220 23.63 20.11 -19.80
N THR B 221 23.04 20.69 -20.85
CA THR B 221 23.22 22.09 -21.20
C THR B 221 21.84 22.71 -21.37
N GLY B 222 21.76 24.02 -21.17
CA GLY B 222 20.55 24.76 -21.47
C GLY B 222 19.34 24.43 -20.63
N GLY B 223 19.54 23.96 -19.41
CA GLY B 223 18.40 23.69 -18.55
C GLY B 223 17.75 22.35 -18.85
N TRP B 224 16.57 22.17 -18.28
CA TRP B 224 15.90 20.88 -18.28
C TRP B 224 15.20 20.61 -19.60
N ARG B 225 15.31 19.36 -20.08
CA ARG B 225 14.62 18.91 -21.28
C ARG B 225 14.19 17.46 -21.09
N ILE B 226 13.18 17.06 -21.84
CA ILE B 226 12.75 15.67 -21.88
C ILE B 226 13.73 14.89 -22.74
N GLY B 227 14.20 13.74 -22.23
CA GLY B 227 15.23 12.96 -22.89
C GLY B 227 14.67 11.90 -23.84
N GLN B 228 15.60 11.12 -24.41
CA GLN B 228 15.25 10.13 -25.42
C GLN B 228 14.67 8.86 -24.82
N PHE B 229 14.88 8.60 -23.54
CA PHE B 229 14.36 7.39 -22.91
C PHE B 229 12.84 7.42 -22.90
N VAL B 230 12.23 6.46 -23.60
CA VAL B 230 10.78 6.36 -23.69
C VAL B 230 10.41 4.89 -23.60
N ILE B 231 9.61 4.53 -22.60
CA ILE B 231 9.01 3.21 -22.50
C ILE B 231 7.51 3.40 -22.70
N PRO B 232 6.92 2.94 -23.80
CA PRO B 232 5.54 3.36 -24.10
C PRO B 232 4.51 2.90 -23.08
N ALA B 233 4.73 1.77 -22.42
CA ALA B 233 3.76 1.25 -21.48
C ALA B 233 4.49 0.58 -20.31
N ALA B 234 3.98 0.81 -19.11
CA ALA B 234 4.49 0.20 -17.89
C ALA B 234 3.31 0.05 -16.93
N PRO B 235 3.43 -0.82 -15.93
CA PRO B 235 2.32 -0.98 -14.98
C PRO B 235 2.01 0.33 -14.26
N PHE B 236 0.75 0.47 -13.88
CA PHE B 236 0.28 1.68 -13.19
C PHE B 236 1.04 1.87 -11.88
N LEU B 237 1.62 3.05 -11.70
CA LEU B 237 2.40 3.36 -10.49
C LEU B 237 3.51 2.33 -10.26
N THR B 238 4.20 1.97 -11.33
CA THR B 238 5.30 1.03 -11.16
C THR B 238 6.43 1.67 -10.35
N PRO B 239 7.00 0.94 -9.39
CA PRO B 239 8.24 1.37 -8.77
C PRO B 239 9.32 1.60 -9.83
N ILE B 240 10.16 2.61 -9.58
CA ILE B 240 11.26 2.99 -10.47
C ILE B 240 12.46 3.32 -9.59
N SER B 241 13.63 2.82 -9.96
CA SER B 241 14.86 3.30 -9.33
C SER B 241 15.97 3.20 -10.35
N ALA B 242 16.83 4.22 -10.40
CA ALA B 242 17.94 4.27 -11.32
C ALA B 242 19.24 4.48 -10.57
N THR B 243 20.34 4.02 -11.15
CA THR B 243 21.66 4.23 -10.59
C THR B 243 22.68 4.30 -11.72
N VAL B 244 23.74 5.07 -11.51
CA VAL B 244 24.74 5.27 -12.55
C VAL B 244 26.13 5.22 -11.92
N SER B 245 27.06 4.57 -12.63
CA SER B 245 28.48 4.55 -12.29
CA SER B 245 28.47 4.58 -12.29
C SER B 245 29.25 4.34 -13.58
N PRO B 246 30.50 4.80 -13.66
CA PRO B 246 31.23 4.65 -14.94
C PRO B 246 31.65 3.21 -15.18
N GLU B 247 31.34 2.70 -16.37
CA GLU B 247 31.86 1.42 -16.83
C GLU B 247 32.79 1.68 -18.01
N LYS B 248 34.02 1.19 -17.92
CA LYS B 248 35.03 1.44 -18.94
C LYS B 248 35.09 2.92 -19.28
N ASP B 249 35.04 3.76 -18.24
CA ASP B 249 35.24 5.20 -18.35
C ASP B 249 34.11 5.92 -19.07
N PHE B 250 32.88 5.39 -18.98
CA PHE B 250 31.74 6.12 -19.50
C PHE B 250 30.55 5.80 -18.62
N PRO B 251 29.72 6.79 -18.26
CA PRO B 251 28.62 6.54 -17.31
C PRO B 251 27.66 5.47 -17.81
N LYS B 252 27.36 4.50 -16.95
CA LYS B 252 26.42 3.42 -17.25
C LYS B 252 25.18 3.63 -16.40
N ILE B 253 24.12 4.14 -17.02
CA ILE B 253 22.84 4.34 -16.33
C ILE B 253 22.07 3.03 -16.34
N HIS B 254 21.55 2.65 -15.18
CA HIS B 254 20.68 1.49 -15.07
C HIS B 254 19.35 1.98 -14.54
N VAL B 255 18.27 1.74 -15.29
CA VAL B 255 16.91 2.12 -14.89
C VAL B 255 16.12 0.84 -14.63
N TYR B 256 15.56 0.72 -13.42
CA TYR B 256 14.80 -0.45 -13.01
C TYR B 256 13.34 -0.09 -12.76
N TRP B 257 12.44 -0.96 -13.23
CA TRP B 257 11.02 -0.85 -12.93
C TRP B 257 10.44 -2.26 -12.91
N LEU B 258 9.14 -2.37 -12.65
CA LEU B 258 8.50 -3.66 -12.51
C LEU B 258 7.61 -3.99 -13.71
N SER B 259 7.58 -5.28 -14.05
CA SER B 259 6.70 -5.80 -15.10
C SER B 259 5.32 -6.06 -14.51
N VAL B 260 4.37 -6.47 -15.39
CA VAL B 260 3.06 -6.87 -14.88
C VAL B 260 3.12 -8.11 -14.01
N GLU B 261 4.18 -8.90 -14.14
CA GLU B 261 4.39 -10.04 -13.25
CA GLU B 261 4.40 -10.04 -13.26
C GLU B 261 5.13 -9.64 -11.97
N SER B 262 5.37 -8.34 -11.78
CA SER B 262 6.14 -7.83 -10.65
CA SER B 262 6.14 -7.85 -10.64
C SER B 262 7.57 -8.37 -10.63
N THR B 263 8.15 -8.60 -11.81
CA THR B 263 9.56 -8.89 -11.92
C THR B 263 10.29 -7.63 -12.33
N ILE B 264 11.57 -7.58 -12.03
CA ILE B 264 12.36 -6.36 -12.23
C ILE B 264 12.89 -6.30 -13.65
N ILE B 265 12.56 -5.20 -14.35
N ILE B 265 12.55 -5.21 -14.35
CA ILE B 265 13.03 -4.94 -15.70
CA ILE B 265 13.03 -4.92 -15.70
C ILE B 265 14.14 -3.90 -15.63
C ILE B 265 14.17 -3.93 -15.59
N GLU B 266 15.21 -4.13 -16.40
CA GLU B 266 16.35 -3.21 -16.45
C GLU B 266 16.55 -2.69 -17.87
N SER B 267 16.72 -1.37 -18.00
CA SER B 267 17.20 -0.77 -19.24
CA SER B 267 17.18 -0.74 -19.23
C SER B 267 18.48 0.00 -18.94
N VAL B 268 19.51 -0.29 -19.72
CA VAL B 268 20.83 0.32 -19.53
C VAL B 268 21.07 1.36 -20.61
N ASN B 269 21.61 2.51 -20.21
CA ASN B 269 22.13 3.50 -21.15
C ASN B 269 23.65 3.48 -21.02
N TRP B 270 24.32 3.04 -22.09
CA TRP B 270 25.78 3.03 -22.10
C TRP B 270 26.16 3.06 -23.58
N HIS B 271 26.49 4.25 -24.06
CA HIS B 271 26.62 4.50 -25.50
C HIS B 271 25.32 4.11 -26.21
N GLY B 272 24.20 4.56 -25.66
CA GLY B 272 22.89 4.30 -26.21
C GLY B 272 22.06 3.42 -25.29
N TRP B 273 20.75 3.52 -25.45
CA TRP B 273 19.83 2.71 -24.68
C TRP B 273 19.77 1.29 -25.23
N LYS B 274 19.85 0.31 -24.33
CA LYS B 274 19.70 -1.08 -24.68
C LYS B 274 18.29 -1.53 -24.35
N ALA B 275 17.84 -2.57 -25.05
CA ALA B 275 16.47 -3.05 -24.89
C ALA B 275 16.20 -3.45 -23.44
N PRO B 276 15.02 -3.14 -22.92
CA PRO B 276 14.67 -3.57 -21.56
C PRO B 276 14.69 -5.08 -21.46
N LYS B 277 15.16 -5.59 -20.32
CA LYS B 277 15.23 -7.02 -20.10
CA LYS B 277 15.16 -7.02 -20.11
C LYS B 277 14.97 -7.33 -18.64
N GLN B 278 14.28 -8.42 -18.37
CA GLN B 278 14.03 -8.89 -17.03
C GLN B 278 15.34 -9.42 -16.44
N ILE B 279 15.66 -9.00 -15.21
CA ILE B 279 16.91 -9.44 -14.60
C ILE B 279 16.79 -10.82 -13.95
N ASP B 280 15.61 -11.17 -13.46
CA ASP B 280 15.32 -12.52 -12.97
C ASP B 280 13.81 -12.69 -13.01
N ASN B 281 13.35 -13.91 -12.82
CA ASN B 281 11.92 -14.19 -12.97
C ASN B 281 11.19 -14.39 -11.65
N ILE B 282 11.70 -13.80 -10.57
CA ILE B 282 11.11 -13.91 -9.24
C ILE B 282 10.28 -12.67 -8.99
N SER B 283 9.00 -12.87 -8.64
CA SER B 283 8.06 -11.76 -8.45
C SER B 283 8.27 -11.14 -7.08
N VAL B 284 8.65 -9.86 -7.05
CA VAL B 284 8.76 -9.13 -5.80
C VAL B 284 7.40 -8.57 -5.42
N VAL B 285 7.30 -8.02 -4.20
CA VAL B 285 6.10 -7.26 -3.85
C VAL B 285 6.10 -5.96 -4.64
N LYS B 286 4.97 -5.63 -5.27
CA LYS B 286 4.90 -4.40 -6.05
C LYS B 286 4.94 -3.23 -5.07
N ALA B 287 6.13 -2.67 -4.92
CA ALA B 287 6.43 -1.71 -3.86
C ALA B 287 7.80 -1.12 -4.16
N ASP B 288 8.12 -0.03 -3.47
CA ASP B 288 9.33 0.75 -3.75
C ASP B 288 10.58 -0.14 -3.80
N ILE B 289 11.44 0.15 -4.77
CA ILE B 289 12.76 -0.47 -4.85
C ILE B 289 13.81 0.65 -4.79
N SER B 290 15.06 0.25 -4.61
CA SER B 290 16.15 1.21 -4.47
C SER B 290 17.42 0.59 -5.02
N ALA B 291 18.02 1.23 -6.02
CA ALA B 291 19.23 0.74 -6.66
C ALA B 291 20.42 1.62 -6.29
N THR B 292 21.59 0.99 -6.21
CA THR B 292 22.84 1.70 -5.96
C THR B 292 23.94 0.94 -6.70
N SER B 293 25.09 1.59 -6.88
CA SER B 293 26.13 0.98 -7.71
C SER B 293 27.48 1.59 -7.36
N PHE B 294 28.54 0.86 -7.75
CA PHE B 294 29.90 1.37 -7.65
C PHE B 294 30.74 0.76 -8.76
N THR B 295 31.87 1.40 -9.06
CA THR B 295 32.80 0.92 -10.07
C THR B 295 33.99 0.26 -9.40
N ARG B 296 34.30 -0.97 -9.81
CA ARG B 296 35.45 -1.70 -9.30
C ARG B 296 36.73 -1.16 -9.92
N ASP B 297 37.87 -1.59 -9.35
CA ASP B 297 39.15 -1.16 -9.88
CA ASP B 297 39.15 -1.15 -9.87
C ASP B 297 39.31 -1.52 -11.35
N ASP B 298 38.71 -2.64 -11.79
CA ASP B 298 38.82 -3.04 -13.18
C ASP B 298 37.88 -2.27 -14.12
N GLY B 299 37.12 -1.31 -13.61
CA GLY B 299 36.26 -0.50 -14.46
C GLY B 299 34.89 -1.07 -14.75
N THR B 300 34.52 -2.19 -14.13
CA THR B 300 33.17 -2.74 -14.27
C THR B 300 32.29 -2.29 -13.11
N VAL B 301 30.98 -2.28 -13.35
CA VAL B 301 30.03 -1.68 -12.42
C VAL B 301 29.20 -2.76 -11.73
N ASP B 302 29.29 -2.80 -10.40
CA ASP B 302 28.42 -3.62 -9.57
C ASP B 302 27.14 -2.86 -9.25
N VAL B 303 26.03 -3.59 -9.14
CA VAL B 303 24.74 -3.00 -8.80
C VAL B 303 24.15 -3.78 -7.63
N ARG B 304 23.49 -3.06 -6.72
CA ARG B 304 22.67 -3.67 -5.69
C ARG B 304 21.27 -3.09 -5.79
N ILE B 305 20.26 -3.95 -5.68
CA ILE B 305 18.87 -3.51 -5.62
C ILE B 305 18.26 -4.01 -4.33
N TYR B 306 17.58 -3.10 -3.61
CA TYR B 306 16.84 -3.40 -2.40
C TYR B 306 15.35 -3.17 -2.65
N GLY B 307 14.52 -3.92 -1.94
CA GLY B 307 13.09 -3.78 -2.08
C GLY B 307 12.40 -4.81 -1.22
N THR B 308 11.10 -5.01 -1.47
CA THR B 308 10.30 -5.95 -0.68
C THR B 308 10.08 -7.24 -1.48
N ALA B 309 10.49 -8.36 -0.90
CA ALA B 309 10.22 -9.68 -1.45
C ALA B 309 9.10 -10.35 -0.66
N GLN B 310 8.48 -11.36 -1.28
CA GLN B 310 7.44 -12.12 -0.60
C GLN B 310 8.02 -12.79 0.64
N LEU B 311 7.26 -12.81 1.74
CA LEU B 311 5.95 -12.16 1.88
C LEU B 311 6.09 -10.69 2.31
N ASN B 312 7.01 -10.42 3.23
CA ASN B 312 7.40 -9.03 3.53
C ASN B 312 8.82 -9.08 4.09
N VAL B 313 9.80 -9.17 3.19
CA VAL B 313 11.20 -9.15 3.61
C VAL B 313 11.98 -8.17 2.74
N LEU B 314 13.04 -7.63 3.32
CA LEU B 314 13.93 -6.73 2.61
C LEU B 314 14.93 -7.58 1.82
N PHE B 315 14.82 -7.55 0.50
CA PHE B 315 15.75 -8.30 -0.34
C PHE B 315 16.97 -7.48 -0.74
N GLU B 316 18.04 -8.19 -1.08
CA GLU B 316 19.20 -7.61 -1.75
C GLU B 316 19.53 -8.45 -2.97
N ARG B 317 19.40 -7.85 -4.15
CA ARG B 317 19.81 -8.47 -5.40
C ARG B 317 21.17 -7.92 -5.80
N ILE B 318 22.05 -8.78 -6.33
CA ILE B 318 23.45 -8.45 -6.51
C ILE B 318 23.85 -8.69 -7.96
N PHE B 319 24.32 -7.64 -8.63
CA PHE B 319 24.96 -7.74 -9.93
C PHE B 319 26.45 -7.52 -9.71
N ARG B 320 27.23 -8.55 -10.01
CA ARG B 320 28.63 -8.53 -9.64
C ARG B 320 29.39 -9.31 -10.71
N TYR B 321 30.47 -8.70 -11.22
CA TYR B 321 31.29 -9.28 -12.28
CA TYR B 321 31.29 -9.32 -12.26
C TYR B 321 30.45 -9.69 -13.49
N GLY B 322 29.47 -8.86 -13.82
CA GLY B 322 28.69 -9.03 -15.03
C GLY B 322 27.51 -9.98 -14.96
N VAL B 323 27.15 -10.51 -13.79
CA VAL B 323 26.03 -11.43 -13.69
C VAL B 323 25.19 -11.09 -12.46
N TRP B 324 23.88 -11.31 -12.60
CA TRP B 324 22.98 -11.27 -11.45
C TRP B 324 23.11 -12.58 -10.69
N GLU B 325 23.51 -12.50 -9.44
CA GLU B 325 23.70 -13.71 -8.66
C GLU B 325 22.35 -14.33 -8.32
N GLU B 326 22.28 -15.66 -8.36
CA GLU B 326 21.02 -16.33 -8.09
C GLU B 326 20.69 -16.36 -6.61
N LYS B 327 21.70 -16.23 -5.76
CA LYS B 327 21.47 -16.10 -4.33
C LYS B 327 20.97 -14.70 -4.05
N ILE B 328 19.68 -14.59 -3.72
CA ILE B 328 19.07 -13.33 -3.34
C ILE B 328 18.93 -13.33 -1.82
N HIS B 329 19.61 -12.42 -1.15
CA HIS B 329 19.60 -12.43 0.30
C HIS B 329 18.39 -11.67 0.84
N SER B 330 18.11 -11.89 2.12
CA SER B 330 17.14 -11.12 2.88
CA SER B 330 17.14 -11.12 2.88
C SER B 330 17.84 -10.51 4.09
N ILE B 331 17.44 -9.31 4.45
CA ILE B 331 18.06 -8.57 5.56
C ILE B 331 17.00 -8.46 6.64
N SER B 332 17.20 -9.16 7.75
CA SER B 332 16.21 -9.15 8.82
C SER B 332 16.21 -7.81 9.54
N VAL B 333 15.02 -7.25 9.77
CA VAL B 333 14.87 -5.96 10.43
C VAL B 333 14.02 -6.05 11.69
N GLY B 334 13.71 -7.27 12.14
CA GLY B 334 12.86 -7.43 13.30
C GLY B 334 12.26 -8.82 13.32
N LYS B 335 11.18 -8.95 14.08
CA LYS B 335 10.53 -10.23 14.29
C LYS B 335 9.91 -10.76 13.00
N GLU B 336 9.92 -12.08 12.85
CA GLU B 336 9.52 -12.72 11.61
C GLU B 336 8.72 -13.98 11.90
N ILE B 337 7.81 -14.31 10.97
CA ILE B 337 7.14 -15.60 11.05
CA ILE B 337 7.03 -15.54 11.02
C ILE B 337 7.22 -16.29 9.70
N PRO B 338 7.48 -17.59 9.69
CA PRO B 338 7.48 -18.35 8.44
C PRO B 338 6.07 -18.80 8.14
N ILE B 339 5.69 -18.75 6.87
CA ILE B 339 4.34 -19.11 6.44
C ILE B 339 4.45 -19.99 5.21
N GLU B 340 3.67 -21.07 5.18
CA GLU B 340 3.61 -21.91 3.98
C GLU B 340 2.85 -21.18 2.89
N VAL B 341 3.35 -21.32 1.66
CA VAL B 341 2.78 -20.68 0.47
C VAL B 341 2.44 -21.79 -0.52
N VAL B 342 1.24 -21.74 -1.09
CA VAL B 342 0.81 -22.70 -2.10
CA VAL B 342 0.82 -22.71 -2.10
C VAL B 342 0.43 -21.95 -3.36
N GLY B 343 0.90 -22.45 -4.51
CA GLY B 343 0.52 -21.87 -5.78
C GLY B 343 -0.86 -22.35 -6.18
N VAL B 344 -1.72 -21.41 -6.56
CA VAL B 344 -3.10 -21.74 -6.94
CA VAL B 344 -3.12 -21.70 -6.91
C VAL B 344 -3.40 -21.16 -8.30
N ALA B 345 -4.08 -21.95 -9.13
CA ALA B 345 -4.41 -21.56 -10.49
C ALA B 345 -5.64 -20.66 -10.52
N ALA B 346 -5.79 -19.95 -11.64
CA ALA B 346 -6.98 -19.15 -11.85
C ALA B 346 -8.22 -20.02 -11.88
N ALA B 347 -9.32 -19.49 -11.36
CA ALA B 347 -10.58 -20.24 -11.26
C ALA B 347 -11.08 -20.75 -12.61
#